data_9PXY
#
_entry.id   9PXY
#
_cell.length_a   1.00
_cell.length_b   1.00
_cell.length_c   1.00
_cell.angle_alpha   90.00
_cell.angle_beta   90.00
_cell.angle_gamma   90.00
#
_symmetry.space_group_name_H-M   'P 1'
#
loop_
_entity.id
_entity.type
_entity.pdbx_description
1 polymer 'Soluble cytochrome b562,Mu-type opioid receptor,Soluble cytochrome b562,Mu-type opioid receptor,Mu opioid receptor'
2 polymer 'Guanine nucleotide-binding protein G(i) subunit alpha-1'
3 polymer 'Guanine nucleotide-binding protein G(I)/G(S)/G(T) subunit beta-1'
4 polymer 'Guanine nucleotide-binding protein G(I)/G(S)/G(O) subunit gamma-2'
5 non-polymer CHOLESTEROL
6 non-polymer Naloxone
7 non-polymer "5'-O-[(R)-hydroxy(thiophosphonooxy)phosphoryl]guanosine"
#
loop_
_entity_poly.entity_id
_entity_poly.type
_entity_poly.pdbx_seq_one_letter_code
_entity_poly.pdbx_strand_id
1 'polypeptide(L)'
;MKTIIALSYIFCLVFADYKDHDGDYKDHDIDYKDDDDKLHHHHHHHHHHLEVLFQGPGSGSADLEDNWETLNDNLKVIEK
ADNAAQVKDALTKMRAAALDAQKATPPKLEDKSPDSPEMKDFRHGFDILVGQIDDALKLANEGKVKEAQAAAEQLKTTRN
AYIQKYLGTGSDSSAAPTNASNCTDALAYSSCSPAPSPGSWVNLSHLDGNLSDPCGPNRTDLGGRDSLCPPTGSPSMITA
ITIMALYSIVCVVGLFGNFLVMYVIVRYTKMKTATNIYIFNLALADALATSTLPFQSVNYLMGTWPFGTILCKIVISIDY
YNMFTSIFTLCTMSVDRYIAVCHPVKALDFRTPRNAKIINVCNWILSSAIGLPVMFMATTKYRQGSIDCTLTFSHPTWYW
ENLLKICVFIFAFIMPVLIITVCYGLMILRLKSVRMLSGSKEKDRNLRRITRMVLVVVAVFIVCWTPIHIYVIIKALVTI
PETTFQTVSWHFCIALGYTNSCLNPVLYAFLDENFKRCFREFCIPTSSNIEQQNSTRIRQNTRDHPSTANTVDRTNHQLE
NLEAETAPLPAAALEVLFQGPGSWSHPQFEKGGGSGGGSGGSSAWSHPQFEKHHHHHHHHHH
;
R
2 'polypeptide(L)'
;MGCTLSAEDKAAVERSKMIDRNLREDGEKAAREVKLLLLGAGESGKSTIVKQMKIIHEAGYSEEECKQYKAVVYSNTIQS
IIAIIRAMGRLKIDFGDSARADDARQLFVLAGAAEEGFMTAELAGVIKRLWKDSGVQACFNRSREYQLNDSAAYYLNDLD
RIAQPNYIPTQQDVLRTRVKTTGIVETHFTFKDLHFKMFDVGGQRSERKKWIHCFEGVTAIIFCVALSDYDLVLAEDEEM
NRMHESMKLFDSICNNKWFTDTSIILFLNKKDLFEEKIKKSPLTICYPEYAGSNTYEEAAAYIQCQFEDLNKRKDTKEIY
THFTCATDTKNVQFVFDAVTDVIIKNNLKDCGLF
;
A
3 'polypeptide(L)'
;HHHHHHHHHHLEVLFQGPGSSGSELDQLRQEAEQLKNQIRDARKACADATLSQITNNIDPVGRIQMRTRRTLRGHLAKIY
AMHWGTDSRLLVSASQDGKLIIWDSYTTNKVHAIPLRSSWVMTCAYAPSGNYVACGGLDNICSIYNLKTREGNVRVSREL
AGHTGYLSCCRFLDDNQIVTSSGDTTCALWDIETGQQTTTFTGHTGDVMSLSLAPDTRLFVSGACDASAKLWDVREGMCR
QTFTGHESDINAICFFPNGNAFATGSDDATCRLFDLRADQELMTYSHDNIICGITSVSFSKSGRLLLAGYDDFNCNVWDA
LKADRAGVLAGHDNRVSCLGVTDDGMAVATGSWDSFLKIWN
;
B
4 'polypeptide(L)' MASNNTASIAQARKLVEQLKMEANIDRIKVSKAAADLMAYCEAHAKEDPLLTPVPASENPFREKKFFCAIL C
#
loop_
_chem_comp.id
_chem_comp.type
_chem_comp.name
_chem_comp.formula
A1APV non-polymer Naloxone 'C19 H21 N O4'
CLR non-polymer CHOLESTEROL 'C27 H46 O'
VSN RNA linking 5'-O-[(R)-hydroxy(thiophosphonooxy)phosphoryl]guanosine 'C10 H15 N5 O10 P2 S'
#
# COMPACT_ATOMS: atom_id res chain seq x y z
N MET A 237 34.29 50.75 -26.83
CA MET A 237 34.32 51.56 -25.62
C MET A 237 33.35 51.02 -24.58
N ILE A 238 32.08 50.88 -24.96
CA ILE A 238 31.05 50.36 -24.06
C ILE A 238 30.68 48.92 -24.37
N THR A 239 31.35 48.29 -25.33
CA THR A 239 31.06 46.89 -25.64
C THR A 239 31.45 45.98 -24.47
N ALA A 240 32.59 46.26 -23.83
CA ALA A 240 33.00 45.47 -22.68
C ALA A 240 32.02 45.63 -21.53
N ILE A 241 31.49 46.84 -21.33
CA ILE A 241 30.55 47.10 -20.24
C ILE A 241 29.26 46.31 -20.45
N THR A 242 28.71 46.36 -21.67
CA THR A 242 27.45 45.66 -21.91
C THR A 242 27.63 44.15 -21.93
N ILE A 243 28.77 43.65 -22.43
CA ILE A 243 28.96 42.21 -22.38
C ILE A 243 29.22 41.72 -20.96
N MET A 244 29.87 42.54 -20.12
CA MET A 244 30.02 42.19 -18.71
C MET A 244 28.67 42.20 -18.00
N ALA A 245 27.82 43.17 -18.30
CA ALA A 245 26.49 43.22 -17.70
C ALA A 245 25.65 42.01 -18.13
N LEU A 246 25.74 41.63 -19.40
CA LEU A 246 24.96 40.50 -19.88
C LEU A 246 25.48 39.19 -19.28
N TYR A 247 26.80 39.05 -19.16
CA TYR A 247 27.39 37.91 -18.45
C TYR A 247 26.90 37.85 -17.01
N SER A 248 26.87 39.00 -16.34
CA SER A 248 26.46 39.05 -14.94
C SER A 248 24.99 38.64 -14.77
N ILE A 249 24.11 39.16 -15.64
CA ILE A 249 22.69 38.85 -15.48
C ILE A 249 22.41 37.39 -15.82
N VAL A 250 23.05 36.85 -16.87
CA VAL A 250 22.81 35.44 -17.18
C VAL A 250 23.38 34.55 -16.08
N CYS A 251 24.50 34.93 -15.47
CA CYS A 251 25.08 34.14 -14.39
C CYS A 251 24.18 34.14 -13.17
N VAL A 252 23.69 35.32 -12.76
CA VAL A 252 22.88 35.37 -11.55
C VAL A 252 21.54 34.69 -11.75
N VAL A 253 20.94 34.82 -12.95
CA VAL A 253 19.65 34.17 -13.18
C VAL A 253 19.81 32.66 -13.24
N GLY A 254 20.88 32.18 -13.89
CA GLY A 254 21.13 30.75 -13.91
C GLY A 254 21.39 30.16 -12.54
N LEU A 255 22.23 30.84 -11.74
CA LEU A 255 22.53 30.36 -10.40
C LEU A 255 21.29 30.37 -9.50
N PHE A 256 20.47 31.43 -9.59
CA PHE A 256 19.27 31.50 -8.79
C PHE A 256 18.26 30.42 -9.19
N GLY A 257 18.10 30.19 -10.49
CA GLY A 257 17.18 29.16 -10.93
C GLY A 257 17.61 27.76 -10.52
N ASN A 258 18.90 27.44 -10.67
CA ASN A 258 19.37 26.13 -10.27
C ASN A 258 19.36 25.95 -8.76
N PHE A 259 19.60 27.03 -8.00
CA PHE A 259 19.51 26.94 -6.56
C PHE A 259 18.07 26.75 -6.10
N LEU A 260 17.12 27.40 -6.77
CA LEU A 260 15.71 27.16 -6.46
C LEU A 260 15.31 25.72 -6.77
N VAL A 261 15.80 25.19 -7.88
CA VAL A 261 15.48 23.81 -8.24
C VAL A 261 16.07 22.84 -7.22
N MET A 262 17.32 23.06 -6.79
CA MET A 262 17.93 22.22 -5.77
C MET A 262 17.19 22.32 -4.43
N TYR A 263 16.81 23.54 -4.05
CA TYR A 263 16.07 23.75 -2.80
C TYR A 263 14.73 23.03 -2.83
N VAL A 264 14.00 23.14 -3.93
CA VAL A 264 12.71 22.47 -4.04
C VAL A 264 12.88 20.96 -4.04
N ILE A 265 13.83 20.46 -4.83
CA ILE A 265 14.04 19.03 -4.98
C ILE A 265 14.66 18.37 -3.75
N VAL A 266 15.18 19.14 -2.81
CA VAL A 266 15.63 18.60 -1.54
C VAL A 266 14.56 18.72 -0.46
N ARG A 267 13.94 19.91 -0.34
CA ARG A 267 13.03 20.16 0.78
C ARG A 267 11.59 19.79 0.44
N TYR A 268 11.04 20.37 -0.63
CA TYR A 268 9.60 20.21 -0.88
C TYR A 268 9.29 18.84 -1.47
N THR A 269 9.80 18.56 -2.66
CA THR A 269 9.68 17.23 -3.24
C THR A 269 10.95 16.43 -2.95
N LYS A 270 10.82 15.11 -3.00
CA LYS A 270 11.91 14.23 -2.65
C LYS A 270 12.71 13.85 -3.89
N MET A 271 13.57 12.85 -3.75
CA MET A 271 14.44 12.36 -4.81
C MET A 271 14.25 10.86 -5.00
N LYS A 272 12.99 10.44 -5.05
CA LYS A 272 12.66 9.02 -5.14
C LYS A 272 12.49 8.55 -6.57
N THR A 273 11.84 9.35 -7.42
CA THR A 273 11.66 8.97 -8.81
C THR A 273 12.96 9.14 -9.58
N ALA A 274 13.09 8.38 -10.67
CA ALA A 274 14.29 8.45 -11.50
C ALA A 274 14.43 9.81 -12.16
N THR A 275 13.31 10.39 -12.60
CA THR A 275 13.36 11.71 -13.23
C THR A 275 13.80 12.78 -12.25
N ASN A 276 13.53 12.60 -10.94
CA ASN A 276 14.00 13.56 -9.96
C ASN A 276 15.52 13.51 -9.83
N ILE A 277 16.10 12.32 -9.88
CA ILE A 277 17.56 12.19 -9.89
C ILE A 277 18.13 12.85 -11.15
N TYR A 278 17.47 12.65 -12.29
CA TYR A 278 17.94 13.24 -13.54
C TYR A 278 17.93 14.77 -13.49
N ILE A 279 16.84 15.36 -13.01
CA ILE A 279 16.76 16.81 -12.97
C ILE A 279 17.66 17.38 -11.86
N PHE A 280 17.91 16.60 -10.79
CA PHE A 280 18.88 17.02 -9.78
C PHE A 280 20.28 17.12 -10.38
N ASN A 281 20.70 16.09 -11.11
CA ASN A 281 22.04 16.11 -11.70
C ASN A 281 22.15 17.15 -12.80
N LEU A 282 21.06 17.38 -13.54
CA LEU A 282 21.04 18.47 -14.51
C LEU A 282 21.19 19.83 -13.82
N ALA A 283 20.52 20.00 -12.66
CA ALA A 283 20.63 21.24 -11.92
C ALA A 283 22.05 21.47 -11.41
N LEU A 284 22.70 20.40 -10.92
CA LEU A 284 24.09 20.54 -10.50
C LEU A 284 25.01 20.88 -11.68
N ALA A 285 24.81 20.23 -12.82
CA ALA A 285 25.65 20.51 -13.98
C ALA A 285 25.46 21.95 -14.46
N ASP A 286 24.22 22.43 -14.46
CA ASP A 286 23.97 23.80 -14.90
C ASP A 286 24.49 24.82 -13.89
N ALA A 287 24.39 24.51 -12.59
CA ALA A 287 24.88 25.45 -11.58
C ALA A 287 26.39 25.52 -11.56
N LEU A 288 27.07 24.38 -11.74
CA LEU A 288 28.52 24.36 -11.79
C LEU A 288 29.06 24.85 -13.14
N ALA A 289 28.25 24.79 -14.21
CA ALA A 289 28.69 25.34 -15.48
C ALA A 289 28.67 26.86 -15.49
N THR A 290 27.66 27.44 -14.83
CA THR A 290 27.50 28.89 -14.81
C THR A 290 28.25 29.55 -13.67
N SER A 291 28.90 28.78 -12.80
CA SER A 291 29.65 29.36 -11.68
C SER A 291 31.02 29.88 -12.09
N THR A 292 31.50 29.53 -13.29
CA THR A 292 32.75 30.05 -13.81
C THR A 292 32.59 31.36 -14.55
N LEU A 293 31.36 31.83 -14.72
CA LEU A 293 31.03 33.03 -15.47
C LEU A 293 31.61 34.33 -14.92
N PRO A 294 31.61 34.61 -13.60
CA PRO A 294 32.30 35.82 -13.13
C PRO A 294 33.79 35.83 -13.43
N PHE A 295 34.43 34.65 -13.39
CA PHE A 295 35.85 34.56 -13.71
C PHE A 295 36.13 34.97 -15.15
N GLN A 296 35.33 34.46 -16.09
CA GLN A 296 35.53 34.83 -17.50
C GLN A 296 35.11 36.26 -17.77
N SER A 297 34.09 36.77 -17.07
CA SER A 297 33.66 38.15 -17.26
C SER A 297 34.74 39.13 -16.81
N VAL A 298 35.36 38.87 -15.65
CA VAL A 298 36.44 39.76 -15.23
C VAL A 298 37.73 39.49 -16.00
N ASN A 299 37.89 38.29 -16.58
CA ASN A 299 39.01 38.05 -17.49
C ASN A 299 38.89 38.90 -18.74
N TYR A 300 37.68 39.01 -19.30
CA TYR A 300 37.50 39.90 -20.44
C TYR A 300 37.58 41.36 -20.04
N LEU A 301 37.07 41.69 -18.85
CA LEU A 301 37.03 43.09 -18.42
C LEU A 301 38.43 43.63 -18.15
N MET A 302 39.28 42.84 -17.49
CA MET A 302 40.62 43.29 -17.16
C MET A 302 41.64 42.93 -18.23
N GLY A 303 41.25 42.17 -19.26
CA GLY A 303 42.16 41.82 -20.33
C GLY A 303 43.28 40.89 -19.94
N THR A 304 43.21 40.27 -18.78
CA THR A 304 44.28 39.41 -18.28
C THR A 304 43.67 38.46 -17.25
N TRP A 305 44.46 37.46 -16.86
CA TRP A 305 44.02 36.44 -15.92
C TRP A 305 44.85 36.55 -14.64
N PRO A 306 44.40 37.30 -13.64
CA PRO A 306 45.17 37.45 -12.41
C PRO A 306 44.89 36.38 -11.38
N PHE A 307 44.26 35.28 -11.79
CA PHE A 307 43.84 34.22 -10.88
C PHE A 307 44.80 33.05 -10.84
N GLY A 308 45.98 33.17 -11.42
CA GLY A 308 46.96 32.11 -11.32
C GLY A 308 46.70 30.99 -12.31
N THR A 309 47.45 29.90 -12.12
CA THR A 309 47.39 28.80 -13.06
C THR A 309 46.42 27.69 -12.63
N ILE A 310 46.40 27.31 -11.35
CA ILE A 310 45.60 26.17 -10.93
C ILE A 310 44.11 26.51 -10.96
N LEU A 311 43.78 27.79 -10.70
CA LEU A 311 42.38 28.20 -10.69
C LEU A 311 41.74 28.05 -12.06
N CYS A 312 42.40 28.57 -13.11
CA CYS A 312 41.80 28.35 -14.41
C CYS A 312 42.07 26.97 -14.96
N LYS A 313 43.06 26.24 -14.44
CA LYS A 313 43.17 24.82 -14.76
C LYS A 313 41.88 24.10 -14.39
N ILE A 314 41.43 24.29 -13.15
CA ILE A 314 40.17 23.67 -12.76
C ILE A 314 38.98 24.35 -13.40
N VAL A 315 39.08 25.62 -13.83
CA VAL A 315 37.93 26.28 -14.46
C VAL A 315 37.66 25.71 -15.86
N ILE A 316 38.69 25.63 -16.70
CA ILE A 316 38.52 25.00 -18.02
C ILE A 316 38.21 23.51 -17.87
N SER A 317 38.82 22.83 -16.89
CA SER A 317 38.49 21.42 -16.68
C SER A 317 37.04 21.24 -16.29
N ILE A 318 36.52 22.09 -15.39
CA ILE A 318 35.15 21.93 -14.93
C ILE A 318 34.17 22.42 -15.99
N ASP A 319 34.60 23.30 -16.91
CA ASP A 319 33.73 23.70 -18.02
C ASP A 319 33.55 22.57 -19.02
N TYR A 320 34.66 21.92 -19.43
CA TYR A 320 34.56 20.75 -20.28
C TYR A 320 33.81 19.62 -19.60
N TYR A 321 33.97 19.49 -18.29
CA TYR A 321 33.22 18.50 -17.53
C TYR A 321 31.72 18.81 -17.52
N ASN A 322 31.37 20.08 -17.30
CA ASN A 322 29.98 20.45 -17.04
C ASN A 322 29.17 20.45 -18.33
N MET A 323 29.78 20.86 -19.45
CA MET A 323 29.04 20.80 -20.71
C MET A 323 28.66 19.36 -21.04
N PHE A 324 29.57 18.41 -20.79
CA PHE A 324 29.24 17.01 -21.09
C PHE A 324 28.28 16.43 -20.08
N THR A 325 28.37 16.81 -18.79
CA THR A 325 27.39 16.29 -17.84
C THR A 325 25.98 16.79 -18.14
N SER A 326 25.84 18.09 -18.45
CA SER A 326 24.52 18.64 -18.76
C SER A 326 23.96 18.06 -20.07
N ILE A 327 24.80 18.00 -21.11
CA ILE A 327 24.39 17.45 -22.39
C ILE A 327 23.99 15.98 -22.25
N PHE A 328 24.81 15.19 -21.54
CA PHE A 328 24.55 13.77 -21.44
C PHE A 328 23.37 13.48 -20.54
N THR A 329 23.10 14.32 -19.54
CA THR A 329 21.90 14.07 -18.75
C THR A 329 20.65 14.49 -19.51
N LEU A 330 20.74 15.46 -20.42
CA LEU A 330 19.64 15.71 -21.35
C LEU A 330 19.40 14.50 -22.25
N CYS A 331 20.49 13.92 -22.76
CA CYS A 331 20.39 12.76 -23.64
C CYS A 331 19.77 11.57 -22.91
N THR A 332 20.22 11.30 -21.68
CA THR A 332 19.66 10.17 -20.96
C THR A 332 18.27 10.45 -20.43
N MET A 333 17.89 11.72 -20.23
CA MET A 333 16.50 12.02 -19.88
C MET A 333 15.58 11.78 -21.07
N SER A 334 16.01 12.17 -22.27
CA SER A 334 15.20 11.88 -23.45
C SER A 334 15.12 10.40 -23.72
N VAL A 335 16.22 9.67 -23.50
CA VAL A 335 16.19 8.21 -23.63
C VAL A 335 15.25 7.61 -22.58
N ASP A 336 15.23 8.18 -21.38
CA ASP A 336 14.34 7.71 -20.32
C ASP A 336 12.88 7.87 -20.71
N ARG A 337 12.51 9.03 -21.25
CA ARG A 337 11.13 9.26 -21.66
C ARG A 337 10.75 8.37 -22.86
N TYR A 338 11.68 8.18 -23.80
CA TYR A 338 11.42 7.30 -24.93
C TYR A 338 11.22 5.86 -24.48
N ILE A 339 12.00 5.40 -23.49
CA ILE A 339 11.82 4.06 -22.95
C ILE A 339 10.49 3.96 -22.22
N ALA A 340 10.13 4.99 -21.46
CA ALA A 340 8.86 4.99 -20.72
C ALA A 340 7.66 4.99 -21.65
N VAL A 341 7.81 5.49 -22.87
CA VAL A 341 6.70 5.51 -23.82
C VAL A 341 6.69 4.26 -24.69
N CYS A 342 7.73 4.08 -25.51
CA CYS A 342 7.67 3.09 -26.57
C CYS A 342 7.93 1.67 -26.08
N HIS A 343 8.51 1.50 -24.90
CA HIS A 343 8.78 0.17 -24.34
C HIS A 343 8.28 0.14 -22.91
N PRO A 344 6.96 0.00 -22.70
CA PRO A 344 6.42 0.10 -21.33
C PRO A 344 6.76 -1.11 -20.48
N VAL A 345 6.72 -2.30 -21.07
CA VAL A 345 7.01 -3.53 -20.33
C VAL A 345 8.46 -3.53 -19.84
N LYS A 346 9.38 -3.08 -20.70
CA LYS A 346 10.78 -3.00 -20.29
C LYS A 346 11.01 -1.83 -19.34
N ALA A 347 10.23 -0.75 -19.47
CA ALA A 347 10.35 0.36 -18.55
C ALA A 347 9.76 0.05 -17.18
N LEU A 348 8.99 -1.02 -17.06
CA LEU A 348 8.58 -1.47 -15.72
C LEU A 348 9.78 -1.93 -14.91
N ASP A 349 10.70 -2.70 -15.52
CA ASP A 349 11.85 -3.23 -14.81
C ASP A 349 13.16 -2.54 -15.18
N PHE A 350 13.11 -1.42 -15.90
CA PHE A 350 14.30 -0.66 -16.21
C PHE A 350 14.37 0.70 -15.52
N ARG A 351 13.22 1.34 -15.29
CA ARG A 351 13.20 2.69 -14.71
C ARG A 351 13.12 2.64 -13.19
N THR A 352 14.03 1.87 -12.57
CA THR A 352 14.19 1.81 -11.12
C THR A 352 15.16 2.90 -10.66
N PRO A 353 15.00 3.38 -9.42
CA PRO A 353 15.90 4.44 -8.94
C PRO A 353 17.37 4.04 -8.87
N ARG A 354 17.68 2.78 -8.55
CA ARG A 354 19.08 2.38 -8.54
C ARG A 354 19.67 2.34 -9.94
N ASN A 355 18.85 2.02 -10.95
CA ASN A 355 19.32 2.07 -12.33
C ASN A 355 19.61 3.51 -12.75
N ALA A 356 18.76 4.45 -12.35
CA ALA A 356 19.05 5.86 -12.62
C ALA A 356 20.31 6.31 -11.91
N LYS A 357 20.52 5.83 -10.68
CA LYS A 357 21.73 6.19 -9.93
C LYS A 357 22.98 5.67 -10.63
N ILE A 358 22.96 4.42 -11.09
CA ILE A 358 24.17 3.89 -11.73
C ILE A 358 24.37 4.54 -13.10
N ILE A 359 23.28 4.89 -13.80
CA ILE A 359 23.43 5.60 -15.07
C ILE A 359 24.04 6.97 -14.86
N ASN A 360 23.63 7.69 -13.81
CA ASN A 360 24.19 9.02 -13.57
C ASN A 360 25.62 8.95 -13.05
N VAL A 361 25.94 7.93 -12.26
CA VAL A 361 27.33 7.72 -11.82
C VAL A 361 28.22 7.45 -13.03
N CYS A 362 27.76 6.58 -13.93
CA CYS A 362 28.51 6.34 -15.16
C CYS A 362 28.58 7.60 -16.03
N ASN A 363 27.54 8.44 -15.98
CA ASN A 363 27.54 9.69 -16.73
C ASN A 363 28.66 10.63 -16.26
N TRP A 364 28.72 10.89 -14.95
CA TRP A 364 29.75 11.80 -14.47
C TRP A 364 31.14 11.17 -14.57
N ILE A 365 31.23 9.84 -14.46
CA ILE A 365 32.52 9.17 -14.66
C ILE A 365 32.99 9.31 -16.10
N LEU A 366 32.09 9.14 -17.07
CA LEU A 366 32.49 9.26 -18.47
C LEU A 366 32.77 10.70 -18.87
N SER A 367 32.11 11.67 -18.25
CA SER A 367 32.49 13.06 -18.46
C SER A 367 33.88 13.35 -17.86
N SER A 368 34.16 12.77 -16.69
CA SER A 368 35.47 12.94 -16.07
C SER A 368 36.57 12.27 -16.88
N ALA A 369 36.25 11.15 -17.54
CA ALA A 369 37.23 10.40 -18.31
C ALA A 369 37.74 11.15 -19.53
N ILE A 370 37.09 12.25 -19.91
CA ILE A 370 37.61 13.15 -20.95
C ILE A 370 37.89 14.55 -20.41
N GLY A 371 37.39 14.89 -19.21
CA GLY A 371 37.79 16.14 -18.60
C GLY A 371 39.13 16.10 -17.90
N LEU A 372 39.52 14.93 -17.40
CA LEU A 372 40.83 14.71 -16.77
C LEU A 372 41.98 14.67 -17.78
N PRO A 373 41.79 14.16 -19.03
CA PRO A 373 42.81 14.41 -20.06
C PRO A 373 42.96 15.88 -20.45
N VAL A 374 42.11 16.76 -19.94
CA VAL A 374 42.25 18.20 -20.14
C VAL A 374 42.88 18.79 -18.88
N MET A 375 42.69 18.10 -17.76
CA MET A 375 43.22 18.60 -16.48
C MET A 375 44.74 18.63 -16.48
N PHE A 376 45.37 17.65 -17.12
CA PHE A 376 46.82 17.49 -17.05
C PHE A 376 47.55 18.24 -18.16
N MET A 377 46.86 19.06 -18.94
CA MET A 377 47.51 19.79 -20.03
C MET A 377 47.18 21.27 -20.10
N ALA A 378 46.09 21.74 -19.50
CA ALA A 378 45.80 23.16 -19.46
C ALA A 378 46.83 23.87 -18.56
N THR A 379 47.24 25.06 -18.98
CA THR A 379 48.30 25.77 -18.28
C THR A 379 48.20 27.26 -18.62
N THR A 380 49.00 28.05 -17.91
CA THR A 380 48.99 29.50 -18.04
C THR A 380 50.19 29.96 -18.85
N LYS A 381 49.94 30.72 -19.91
CA LYS A 381 50.96 31.25 -20.80
C LYS A 381 50.99 32.77 -20.73
N TYR A 382 52.02 33.34 -21.36
CA TYR A 382 52.23 34.77 -21.44
C TYR A 382 52.28 35.19 -22.90
N ARG A 383 51.52 36.23 -23.25
CA ARG A 383 51.58 36.79 -24.60
C ARG A 383 51.37 38.29 -24.53
N GLN A 384 52.29 39.03 -25.16
CA GLN A 384 52.22 40.50 -25.28
C GLN A 384 52.12 41.19 -23.92
N GLY A 385 52.76 40.63 -22.90
CA GLY A 385 52.72 41.22 -21.58
C GLY A 385 51.43 41.00 -20.82
N SER A 386 50.55 40.15 -21.31
CA SER A 386 49.28 39.85 -20.67
C SER A 386 49.18 38.35 -20.40
N ILE A 387 48.34 37.99 -19.44
CA ILE A 387 48.24 36.62 -18.94
C ILE A 387 46.96 36.01 -19.51
N ASP A 388 47.10 34.89 -20.20
CA ASP A 388 45.98 34.08 -20.65
C ASP A 388 46.36 32.62 -20.50
N CYS A 389 45.36 31.78 -20.22
CA CYS A 389 45.62 30.37 -19.92
C CYS A 389 44.75 29.47 -20.78
N THR A 390 44.78 29.69 -22.09
CA THR A 390 44.22 28.71 -23.01
C THR A 390 45.04 27.42 -22.95
N LEU A 391 44.35 26.30 -23.20
CA LEU A 391 44.98 24.99 -23.12
C LEU A 391 46.00 24.80 -24.25
N THR A 392 47.13 24.19 -23.90
CA THR A 392 48.25 24.01 -24.83
C THR A 392 48.56 22.54 -24.99
N PHE A 393 48.92 22.15 -26.21
CA PHE A 393 49.01 20.76 -26.62
C PHE A 393 50.47 20.35 -26.84
N SER A 394 50.65 19.13 -27.36
CA SER A 394 51.97 18.54 -27.54
C SER A 394 52.64 19.11 -28.79
N HIS A 395 53.75 18.49 -29.21
CA HIS A 395 54.49 18.97 -30.38
C HIS A 395 53.67 18.92 -31.68
N PRO A 396 52.91 17.84 -31.99
CA PRO A 396 51.92 18.04 -33.08
C PRO A 396 50.68 18.76 -32.55
N THR A 397 50.80 20.09 -32.46
CA THR A 397 49.78 20.90 -31.82
C THR A 397 48.47 20.87 -32.60
N TRP A 398 48.55 21.00 -33.93
CA TRP A 398 47.34 21.07 -34.74
C TRP A 398 46.59 19.75 -34.72
N TYR A 399 47.29 18.62 -34.74
CA TYR A 399 46.65 17.32 -34.78
C TYR A 399 45.83 17.06 -33.52
N TRP A 400 46.45 17.20 -32.36
CA TRP A 400 45.74 16.96 -31.10
C TRP A 400 44.68 18.03 -30.84
N GLU A 401 44.98 19.28 -31.20
CA GLU A 401 44.02 20.36 -31.01
C GLU A 401 42.76 20.11 -31.83
N ASN A 402 42.91 19.87 -33.13
CA ASN A 402 41.76 19.63 -33.99
C ASN A 402 41.09 18.31 -33.68
N LEU A 403 41.83 17.33 -33.15
CA LEU A 403 41.20 16.10 -32.68
C LEU A 403 40.24 16.40 -31.54
N LEU A 404 40.67 17.23 -30.60
CA LEU A 404 39.78 17.65 -29.52
C LEU A 404 38.57 18.41 -30.06
N LYS A 405 38.80 19.32 -31.01
CA LYS A 405 37.72 20.14 -31.55
C LYS A 405 36.67 19.28 -32.25
N ILE A 406 37.11 18.40 -33.15
CA ILE A 406 36.14 17.57 -33.87
C ILE A 406 35.49 16.56 -32.94
N CYS A 407 36.19 16.10 -31.91
CA CYS A 407 35.58 15.13 -31.00
C CYS A 407 34.48 15.77 -30.16
N VAL A 408 34.77 16.94 -29.57
CA VAL A 408 33.73 17.61 -28.79
C VAL A 408 32.58 18.04 -29.68
N PHE A 409 32.87 18.46 -30.92
CA PHE A 409 31.80 18.84 -31.83
C PHE A 409 30.91 17.64 -32.16
N ILE A 410 31.51 16.53 -32.60
CA ILE A 410 30.70 15.39 -33.02
C ILE A 410 29.91 14.83 -31.84
N PHE A 411 30.56 14.65 -30.68
CA PHE A 411 29.86 14.11 -29.52
C PHE A 411 28.76 15.05 -29.07
N ALA A 412 29.12 16.24 -28.58
CA ALA A 412 28.16 17.11 -27.93
C ALA A 412 27.25 17.87 -28.90
N PHE A 413 27.38 17.68 -30.21
CA PHE A 413 26.38 18.24 -31.11
C PHE A 413 25.66 17.18 -31.93
N ILE A 414 26.39 16.30 -32.63
CA ILE A 414 25.73 15.29 -33.43
C ILE A 414 25.06 14.25 -32.54
N MET A 415 25.72 13.84 -31.45
CA MET A 415 25.12 12.85 -30.57
C MET A 415 23.82 13.30 -29.89
N PRO A 416 23.70 14.53 -29.32
CA PRO A 416 22.42 14.87 -28.68
C PRO A 416 21.31 15.18 -29.66
N VAL A 417 21.60 15.86 -30.78
CA VAL A 417 20.50 16.21 -31.68
C VAL A 417 19.92 14.95 -32.31
N LEU A 418 20.77 13.99 -32.70
CA LEU A 418 20.27 12.76 -33.32
C LEU A 418 19.46 11.94 -32.33
N ILE A 419 20.03 11.70 -31.14
CA ILE A 419 19.37 10.89 -30.13
C ILE A 419 18.06 11.55 -29.69
N ILE A 420 18.10 12.86 -29.42
CA ILE A 420 16.93 13.57 -28.94
C ILE A 420 15.83 13.59 -30.00
N THR A 421 16.18 13.90 -31.25
CA THR A 421 15.14 13.95 -32.28
C THR A 421 14.55 12.57 -32.54
N VAL A 422 15.37 11.51 -32.63
CA VAL A 422 14.80 10.22 -32.93
C VAL A 422 13.96 9.70 -31.76
N CYS A 423 14.43 9.93 -30.52
CA CYS A 423 13.72 9.42 -29.35
C CYS A 423 12.42 10.18 -29.14
N TYR A 424 12.47 11.51 -29.21
CA TYR A 424 11.27 12.30 -29.02
C TYR A 424 10.30 12.15 -30.18
N GLY A 425 10.79 11.97 -31.41
CA GLY A 425 9.90 11.74 -32.53
C GLY A 425 9.17 10.42 -32.44
N LEU A 426 9.89 9.35 -32.07
CA LEU A 426 9.22 8.06 -31.87
C LEU A 426 8.23 8.13 -30.71
N MET A 427 8.60 8.84 -29.63
CA MET A 427 7.70 9.01 -28.50
C MET A 427 6.44 9.77 -28.91
N ILE A 428 6.58 10.83 -29.71
CA ILE A 428 5.44 11.63 -30.11
C ILE A 428 4.54 10.85 -31.07
N LEU A 429 5.14 10.06 -31.97
CA LEU A 429 4.33 9.20 -32.83
C LEU A 429 3.55 8.17 -32.03
N ARG A 430 4.19 7.57 -31.01
CA ARG A 430 3.49 6.59 -30.18
C ARG A 430 2.39 7.25 -29.35
N LEU A 431 2.61 8.47 -28.87
CA LEU A 431 1.55 9.21 -28.18
C LEU A 431 0.42 9.60 -29.13
N LYS A 432 0.74 9.84 -30.40
CA LYS A 432 -0.30 10.10 -31.38
C LYS A 432 -1.13 8.85 -31.61
N SER A 433 -0.50 7.68 -31.58
CA SER A 433 -1.21 6.42 -31.80
C SER A 433 -1.95 5.91 -30.57
N VAL A 434 -1.67 6.44 -29.38
CA VAL A 434 -2.23 5.86 -28.16
C VAL A 434 -3.59 6.51 -27.90
N ARG A 435 -4.46 5.78 -27.17
CA ARG A 435 -5.86 6.15 -27.07
C ARG A 435 -6.11 7.33 -26.15
N MET A 436 -5.42 7.41 -25.02
CA MET A 436 -5.79 8.34 -23.95
C MET A 436 -5.59 9.80 -24.32
N LEU A 437 -4.89 10.11 -25.40
CA LEU A 437 -4.63 11.49 -25.81
C LEU A 437 -5.32 11.84 -27.12
N SER A 438 -6.20 10.98 -27.62
CA SER A 438 -6.89 11.22 -28.88
C SER A 438 -8.37 10.93 -28.73
N GLY A 439 -9.19 11.68 -29.47
CA GLY A 439 -10.62 11.46 -29.51
C GLY A 439 -11.46 12.44 -28.70
N SER A 440 -10.87 13.51 -28.17
CA SER A 440 -11.62 14.48 -27.39
C SER A 440 -10.89 15.81 -27.47
N LYS A 441 -11.59 16.87 -27.06
CA LYS A 441 -10.96 18.19 -27.02
C LYS A 441 -9.89 18.26 -25.94
N GLU A 442 -10.20 17.75 -24.74
CA GLU A 442 -9.23 17.76 -23.65
C GLU A 442 -8.05 16.84 -23.95
N LYS A 443 -8.33 15.66 -24.52
CA LYS A 443 -7.25 14.72 -24.84
C LYS A 443 -6.34 15.25 -25.93
N ASP A 444 -6.91 15.85 -26.97
CA ASP A 444 -6.08 16.43 -28.02
C ASP A 444 -5.34 17.66 -27.53
N ARG A 445 -5.93 18.43 -26.61
CA ARG A 445 -5.22 19.54 -25.99
C ARG A 445 -4.03 19.04 -25.18
N ASN A 446 -4.21 17.94 -24.45
CA ASN A 446 -3.10 17.36 -23.68
C ASN A 446 -2.00 16.87 -24.60
N LEU A 447 -2.37 16.19 -25.68
CA LEU A 447 -1.37 15.70 -26.63
C LEU A 447 -0.63 16.86 -27.30
N ARG A 448 -1.36 17.91 -27.68
CA ARG A 448 -0.73 19.07 -28.31
C ARG A 448 0.17 19.80 -27.33
N ARG A 449 -0.20 19.84 -26.05
CA ARG A 449 0.66 20.46 -25.05
C ARG A 449 1.94 19.64 -24.85
N ILE A 450 1.83 18.32 -24.86
CA ILE A 450 3.02 17.47 -24.73
C ILE A 450 3.95 17.66 -25.93
N THR A 451 3.39 17.66 -27.14
CA THR A 451 4.20 17.87 -28.34
C THR A 451 4.82 19.26 -28.35
N ARG A 452 4.07 20.27 -27.89
CA ARG A 452 4.61 21.62 -27.82
C ARG A 452 5.75 21.73 -26.83
N MET A 453 5.61 21.12 -25.65
CA MET A 453 6.66 21.20 -24.65
C MET A 453 7.80 20.22 -24.88
N VAL A 454 7.69 19.33 -25.86
CA VAL A 454 8.84 18.58 -26.33
C VAL A 454 9.56 19.33 -27.44
N LEU A 455 8.80 19.90 -28.38
CA LEU A 455 9.38 20.66 -29.47
C LEU A 455 10.08 21.92 -28.97
N VAL A 456 9.57 22.55 -27.92
CA VAL A 456 10.26 23.72 -27.38
C VAL A 456 11.56 23.31 -26.70
N VAL A 457 11.61 22.11 -26.09
CA VAL A 457 12.85 21.60 -25.51
C VAL A 457 13.89 21.42 -26.60
N VAL A 458 13.52 20.74 -27.68
CA VAL A 458 14.46 20.49 -28.77
C VAL A 458 14.88 21.80 -29.44
N ALA A 459 13.93 22.72 -29.62
CA ALA A 459 14.22 24.00 -30.27
C ALA A 459 15.14 24.87 -29.42
N VAL A 460 14.88 24.97 -28.12
CA VAL A 460 15.74 25.78 -27.25
C VAL A 460 17.14 25.19 -27.20
N PHE A 461 17.25 23.86 -27.07
CA PHE A 461 18.58 23.25 -27.06
C PHE A 461 19.33 23.49 -28.36
N ILE A 462 18.67 23.26 -29.50
CA ILE A 462 19.32 23.40 -30.80
C ILE A 462 19.71 24.84 -31.06
N VAL A 463 18.80 25.79 -30.82
CA VAL A 463 19.10 27.20 -31.08
C VAL A 463 20.20 27.70 -30.16
N CYS A 464 20.17 27.34 -28.87
CA CYS A 464 21.15 27.89 -27.95
C CYS A 464 22.53 27.25 -28.09
N TRP A 465 22.61 25.97 -28.44
CA TRP A 465 23.91 25.36 -28.67
C TRP A 465 24.40 25.46 -30.11
N THR A 466 23.55 25.92 -31.04
CA THR A 466 23.93 25.86 -32.44
C THR A 466 24.91 26.93 -32.94
N PRO A 467 24.91 28.20 -32.47
CA PRO A 467 25.86 29.13 -33.08
C PRO A 467 27.29 28.91 -32.62
N ILE A 468 27.48 28.50 -31.37
CA ILE A 468 28.82 28.39 -30.81
C ILE A 468 29.60 27.26 -31.44
N HIS A 469 28.96 26.13 -31.73
CA HIS A 469 29.69 24.98 -32.26
C HIS A 469 30.19 25.25 -33.67
N ILE A 470 29.31 25.75 -34.55
CA ILE A 470 29.74 26.02 -35.91
C ILE A 470 30.66 27.24 -35.95
N TYR A 471 30.47 28.20 -35.03
CA TYR A 471 31.39 29.34 -35.00
C TYR A 471 32.79 28.92 -34.57
N VAL A 472 32.89 28.02 -33.59
CA VAL A 472 34.18 27.46 -33.21
C VAL A 472 34.78 26.66 -34.35
N ILE A 473 33.96 25.87 -35.06
CA ILE A 473 34.53 25.04 -36.11
C ILE A 473 34.94 25.87 -37.32
N ILE A 474 34.33 27.04 -37.56
CA ILE A 474 34.81 27.89 -38.64
C ILE A 474 35.95 28.81 -38.20
N LYS A 475 36.07 29.08 -36.90
CA LYS A 475 37.30 29.72 -36.41
C LYS A 475 38.48 28.78 -36.54
N ALA A 476 38.27 27.49 -36.28
CA ALA A 476 39.33 26.51 -36.45
C ALA A 476 39.57 26.16 -37.91
N LEU A 477 38.55 26.27 -38.76
CA LEU A 477 38.70 25.92 -40.17
C LEU A 477 39.53 26.96 -40.90
N VAL A 478 39.03 28.20 -40.94
CA VAL A 478 39.71 29.27 -41.64
C VAL A 478 40.09 30.35 -40.64
N THR A 479 41.19 31.05 -40.93
CA THR A 479 41.57 32.19 -40.12
C THR A 479 40.56 33.31 -40.27
N ILE A 480 40.41 34.11 -39.22
CA ILE A 480 39.42 35.16 -39.15
C ILE A 480 40.13 36.45 -38.75
N PRO A 481 39.85 37.58 -39.40
CA PRO A 481 40.46 38.84 -38.97
C PRO A 481 39.90 39.29 -37.63
N GLU A 482 40.77 39.85 -36.80
CA GLU A 482 40.37 40.30 -35.47
C GLU A 482 39.59 41.60 -35.60
N THR A 483 38.35 41.58 -35.14
CA THR A 483 37.46 42.73 -35.25
C THR A 483 36.60 42.75 -34.00
N THR A 484 35.99 43.92 -33.72
CA THR A 484 35.03 44.01 -32.63
C THR A 484 33.83 43.12 -32.89
N PHE A 485 33.42 42.99 -34.15
CA PHE A 485 32.24 42.20 -34.50
C PHE A 485 32.43 40.74 -34.15
N GLN A 486 33.60 40.18 -34.44
CA GLN A 486 33.83 38.76 -34.15
C GLN A 486 33.93 38.51 -32.65
N THR A 487 34.46 39.48 -31.89
CA THR A 487 34.52 39.35 -30.44
C THR A 487 33.11 39.36 -29.84
N VAL A 488 32.28 40.29 -30.28
CA VAL A 488 30.91 40.38 -29.76
C VAL A 488 30.11 39.14 -30.17
N SER A 489 30.31 38.64 -31.39
CA SER A 489 29.62 37.43 -31.82
C SER A 489 30.07 36.21 -31.02
N TRP A 490 31.37 36.10 -30.74
CA TRP A 490 31.87 35.02 -29.91
C TRP A 490 31.27 35.06 -28.51
N HIS A 491 31.23 36.26 -27.92
CA HIS A 491 30.68 36.38 -26.57
C HIS A 491 29.19 36.11 -26.55
N PHE A 492 28.47 36.48 -27.61
CA PHE A 492 27.04 36.17 -27.68
C PHE A 492 26.81 34.67 -27.85
N CYS A 493 27.68 33.97 -28.57
CA CYS A 493 27.56 32.51 -28.66
C CYS A 493 27.80 31.85 -27.31
N ILE A 494 28.81 32.33 -26.57
CA ILE A 494 29.05 31.85 -25.21
C ILE A 494 27.83 32.10 -24.34
N ALA A 495 27.27 33.30 -24.46
CA ALA A 495 26.09 33.68 -23.69
C ALA A 495 24.89 32.81 -24.04
N LEU A 496 24.78 32.41 -25.31
CA LEU A 496 23.66 31.56 -25.71
C LEU A 496 23.79 30.15 -25.14
N GLY A 497 25.01 29.61 -25.13
CA GLY A 497 25.21 28.32 -24.48
C GLY A 497 24.90 28.36 -22.99
N TYR A 498 25.37 29.40 -22.31
CA TYR A 498 25.04 29.53 -20.89
C TYR A 498 23.58 29.91 -20.67
N THR A 499 22.91 30.48 -21.67
CA THR A 499 21.47 30.70 -21.58
C THR A 499 20.71 29.39 -21.68
N ASN A 500 21.20 28.44 -22.48
CA ASN A 500 20.64 27.09 -22.41
C ASN A 500 20.81 26.49 -21.03
N SER A 501 22.02 26.64 -20.46
CA SER A 501 22.26 26.13 -19.11
C SER A 501 21.38 26.83 -18.07
N CYS A 502 21.04 28.09 -18.31
CA CYS A 502 20.16 28.84 -17.41
C CYS A 502 18.69 28.47 -17.58
N LEU A 503 18.26 28.20 -18.80
CA LEU A 503 16.86 27.96 -19.11
C LEU A 503 16.47 26.50 -19.03
N ASN A 504 17.43 25.59 -18.86
CA ASN A 504 17.08 24.18 -18.62
C ASN A 504 16.22 23.97 -17.38
N PRO A 505 16.49 24.58 -16.21
CA PRO A 505 15.56 24.40 -15.09
C PRO A 505 14.19 25.01 -15.30
N VAL A 506 14.05 26.03 -16.16
CA VAL A 506 12.75 26.65 -16.39
C VAL A 506 11.85 25.70 -17.17
N LEU A 507 12.37 25.09 -18.22
CA LEU A 507 11.61 24.20 -19.09
C LEU A 507 11.77 22.72 -18.76
N TYR A 508 12.48 22.39 -17.69
CA TYR A 508 12.69 21.00 -17.30
C TYR A 508 12.17 20.67 -15.92
N ALA A 509 12.05 21.64 -15.02
CA ALA A 509 11.48 21.42 -13.70
C ALA A 509 10.20 22.21 -13.49
N PHE A 510 10.20 23.50 -13.83
CA PHE A 510 9.02 24.32 -13.61
C PHE A 510 7.85 23.91 -14.50
N LEU A 511 8.14 23.36 -15.68
CA LEU A 511 7.09 22.87 -16.57
C LEU A 511 6.71 21.42 -16.32
N ASP A 512 7.40 20.74 -15.40
CA ASP A 512 6.95 19.42 -14.99
C ASP A 512 5.71 19.54 -14.12
N GLU A 513 4.74 18.65 -14.35
CA GLU A 513 3.46 18.77 -13.64
C GLU A 513 3.56 18.32 -12.19
N ASN A 514 4.53 17.47 -11.85
CA ASN A 514 4.73 17.11 -10.44
C ASN A 514 5.19 18.32 -9.63
N PHE A 515 6.12 19.10 -10.20
CA PHE A 515 6.56 20.32 -9.54
C PHE A 515 5.43 21.34 -9.46
N LYS A 516 4.57 21.38 -10.48
CA LYS A 516 3.39 22.25 -10.42
C LYS A 516 2.44 21.81 -9.32
N ARG A 517 2.25 20.50 -9.15
CA ARG A 517 1.42 19.99 -8.06
C ARG A 517 2.01 20.35 -6.70
N CYS A 518 3.35 20.27 -6.57
CA CYS A 518 3.99 20.70 -5.34
C CYS A 518 3.84 22.20 -5.12
N PHE A 519 3.81 22.98 -6.20
CA PHE A 519 3.72 24.43 -6.07
C PHE A 519 2.31 24.88 -5.67
N ARG A 520 1.28 24.25 -6.25
CA ARG A 520 -0.09 24.63 -5.91
C ARG A 520 -0.51 24.22 -4.51
N GLU A 521 0.23 23.32 -3.86
CA GLU A 521 -0.11 22.94 -2.49
C GLU A 521 0.34 23.98 -1.48
N PHE A 522 1.20 24.91 -1.86
CA PHE A 522 1.65 25.95 -0.95
C PHE A 522 1.49 27.33 -1.57
N THR B 4 30.40 -0.73 22.05
CA THR B 4 29.37 -0.02 22.80
C THR B 4 27.99 -0.62 22.52
N LEU B 5 27.94 -1.56 21.59
CA LEU B 5 26.68 -2.20 21.21
C LEU B 5 26.81 -3.71 21.28
N SER B 6 28.04 -4.20 21.09
CA SER B 6 28.42 -5.61 21.20
C SER B 6 27.68 -6.54 20.23
N ALA B 7 27.86 -7.84 20.43
CA ALA B 7 27.43 -8.83 19.45
C ALA B 7 25.92 -8.90 19.31
N GLU B 8 25.18 -8.70 20.40
CA GLU B 8 23.72 -8.78 20.32
C GLU B 8 23.13 -7.69 19.43
N ASP B 9 23.54 -6.45 19.66
CA ASP B 9 23.04 -5.36 18.83
C ASP B 9 23.61 -5.43 17.41
N LYS B 10 24.85 -5.91 17.25
CA LYS B 10 25.40 -6.07 15.91
C LYS B 10 24.62 -7.11 15.12
N ALA B 11 24.27 -8.24 15.75
CA ALA B 11 23.47 -9.26 15.09
C ALA B 11 22.06 -8.77 14.81
N ALA B 12 21.50 -7.96 15.71
CA ALA B 12 20.19 -7.37 15.47
C ALA B 12 20.21 -6.45 14.26
N VAL B 13 21.25 -5.62 14.15
CA VAL B 13 21.40 -4.73 13.01
C VAL B 13 21.58 -5.51 11.71
N GLU B 14 22.37 -6.60 11.76
CA GLU B 14 22.57 -7.43 10.58
C GLU B 14 21.27 -8.11 10.15
N ARG B 15 20.50 -8.61 11.11
CA ARG B 15 19.22 -9.24 10.79
C ARG B 15 18.23 -8.24 10.21
N SER B 16 18.20 -7.02 10.76
CA SER B 16 17.32 -5.99 10.21
C SER B 16 17.76 -5.54 8.83
N LYS B 17 19.07 -5.52 8.58
CA LYS B 17 19.55 -5.24 7.22
C LYS B 17 19.11 -6.32 6.25
N MET B 18 19.17 -7.59 6.68
CA MET B 18 18.69 -8.67 5.84
C MET B 18 17.20 -8.55 5.56
N ILE B 19 16.41 -8.18 6.57
CA ILE B 19 14.98 -7.95 6.38
C ILE B 19 14.75 -6.78 5.43
N ASP B 20 15.58 -5.74 5.52
CA ASP B 20 15.48 -4.60 4.62
C ASP B 20 15.75 -5.02 3.17
N ARG B 21 16.78 -5.81 2.94
CA ARG B 21 17.04 -6.31 1.59
C ARG B 21 15.89 -7.17 1.08
N ASN B 22 15.38 -8.08 1.92
CA ASN B 22 14.31 -8.96 1.49
C ASN B 22 13.05 -8.18 1.12
N LEU B 23 12.69 -7.18 1.94
CA LEU B 23 11.61 -6.26 1.60
C LEU B 23 11.91 -5.51 0.32
N ARG B 24 13.17 -5.17 0.06
CA ARG B 24 13.53 -4.44 -1.15
C ARG B 24 13.25 -5.26 -2.41
N GLU B 25 13.77 -6.50 -2.48
CA GLU B 25 13.45 -7.28 -3.67
C GLU B 25 11.97 -7.65 -3.74
N ASP B 26 11.31 -7.88 -2.61
CA ASP B 26 9.89 -8.23 -2.67
C ASP B 26 9.05 -7.07 -3.18
N GLY B 27 9.34 -5.85 -2.74
CA GLY B 27 8.63 -4.69 -3.25
C GLY B 27 8.94 -4.40 -4.71
N GLU B 28 10.20 -4.55 -5.12
CA GLU B 28 10.55 -4.34 -6.52
C GLU B 28 9.93 -5.40 -7.42
N LYS B 29 9.72 -6.61 -6.90
CA LYS B 29 9.05 -7.65 -7.66
C LYS B 29 7.55 -7.39 -7.74
N ALA B 30 6.96 -6.91 -6.64
CA ALA B 30 5.53 -6.60 -6.65
C ALA B 30 5.21 -5.35 -7.44
N ALA B 31 6.20 -4.49 -7.71
CA ALA B 31 5.95 -3.32 -8.55
C ALA B 31 5.80 -3.72 -10.02
N ARG B 32 6.40 -4.82 -10.44
CA ARG B 32 6.31 -5.28 -11.83
C ARG B 32 5.01 -5.99 -12.13
N GLU B 33 4.22 -6.34 -11.12
CA GLU B 33 2.94 -7.02 -11.34
C GLU B 33 1.88 -6.03 -11.82
N VAL B 34 0.81 -6.59 -12.38
CA VAL B 34 -0.36 -5.82 -12.80
C VAL B 34 -1.57 -6.43 -12.12
N LYS B 35 -2.30 -5.61 -11.38
CA LYS B 35 -3.42 -6.07 -10.58
C LYS B 35 -4.72 -5.85 -11.34
N LEU B 36 -5.47 -6.92 -11.55
CA LEU B 36 -6.76 -6.86 -12.22
C LEU B 36 -7.85 -7.24 -11.24
N LEU B 37 -8.88 -6.41 -11.13
CA LEU B 37 -10.01 -6.65 -10.24
C LEU B 37 -11.19 -7.12 -11.06
N LEU B 38 -11.48 -8.41 -11.00
CA LEU B 38 -12.53 -9.02 -11.81
C LEU B 38 -13.85 -8.95 -11.04
N LEU B 39 -14.81 -8.19 -11.58
CA LEU B 39 -16.16 -8.12 -11.04
C LEU B 39 -17.12 -8.83 -11.98
N GLY B 40 -18.40 -8.81 -11.59
CA GLY B 40 -19.44 -9.46 -12.35
C GLY B 40 -20.64 -9.81 -11.51
N ALA B 41 -21.83 -9.76 -12.10
CA ALA B 41 -23.06 -10.08 -11.39
C ALA B 41 -23.23 -11.60 -11.34
N GLY B 42 -24.42 -12.05 -10.95
CA GLY B 42 -24.74 -13.46 -10.93
C GLY B 42 -24.68 -14.10 -12.30
N GLU B 43 -23.95 -15.22 -12.40
CA GLU B 43 -23.67 -16.01 -13.61
C GLU B 43 -23.40 -15.15 -14.85
N SER B 44 -22.62 -14.08 -14.69
CA SER B 44 -22.32 -13.20 -15.82
C SER B 44 -21.30 -13.83 -16.77
N GLY B 45 -20.47 -14.74 -16.27
CA GLY B 45 -19.50 -15.41 -17.11
C GLY B 45 -18.06 -15.23 -16.66
N LYS B 46 -17.88 -14.97 -15.36
CA LYS B 46 -16.53 -14.81 -14.82
C LYS B 46 -15.74 -16.11 -14.87
N SER B 47 -16.42 -17.24 -14.69
CA SER B 47 -15.74 -18.54 -14.70
C SER B 47 -15.14 -18.84 -16.05
N THR B 48 -15.85 -18.51 -17.13
CA THR B 48 -15.32 -18.71 -18.48
C THR B 48 -14.10 -17.83 -18.74
N ILE B 49 -14.16 -16.57 -18.28
CA ILE B 49 -13.03 -15.65 -18.44
C ILE B 49 -11.81 -16.17 -17.68
N VAL B 50 -12.02 -16.70 -16.48
CA VAL B 50 -10.92 -17.26 -15.71
C VAL B 50 -10.36 -18.51 -16.39
N LYS B 51 -11.25 -19.41 -16.84
CA LYS B 51 -10.82 -20.70 -17.36
C LYS B 51 -10.30 -20.64 -18.78
N GLN B 52 -10.47 -19.53 -19.49
CA GLN B 52 -9.87 -19.41 -20.82
C GLN B 52 -8.46 -18.80 -20.76
N MET B 53 -7.97 -18.50 -19.57
CA MET B 53 -6.60 -18.01 -19.35
C MET B 53 -5.78 -19.06 -18.61
N LYS B 54 -5.96 -20.33 -18.94
CA LYS B 54 -5.35 -21.43 -18.20
C LYS B 54 -3.90 -21.60 -18.64
N ILE B 55 -2.99 -20.94 -17.91
CA ILE B 55 -1.56 -21.10 -18.15
C ILE B 55 -0.90 -21.59 -16.87
N ILE B 56 -0.95 -20.77 -15.83
CA ILE B 56 -0.43 -21.13 -14.51
C ILE B 56 -1.40 -20.60 -13.47
N HIS B 57 -1.66 -21.39 -12.45
CA HIS B 57 -2.48 -20.91 -11.34
C HIS B 57 -1.89 -21.24 -9.96
N GLU B 58 -1.16 -22.34 -9.82
CA GLU B 58 -0.49 -22.66 -8.56
C GLU B 58 1.00 -22.32 -8.58
N ALA B 59 1.48 -21.62 -9.60
CA ALA B 59 2.91 -21.33 -9.74
C ALA B 59 3.27 -20.10 -8.91
N GLY B 60 4.27 -20.25 -8.04
CA GLY B 60 4.76 -19.14 -7.26
C GLY B 60 5.21 -19.52 -5.85
N TYR B 61 6.41 -19.05 -5.48
CA TYR B 61 7.09 -19.32 -4.20
C TYR B 61 6.95 -20.78 -3.76
N SER B 62 7.32 -21.69 -4.67
CA SER B 62 7.17 -23.13 -4.40
C SER B 62 8.11 -23.58 -3.28
N GLU B 63 9.32 -23.03 -3.23
CA GLU B 63 10.25 -23.38 -2.16
C GLU B 63 9.76 -22.89 -0.81
N GLU B 64 9.17 -21.68 -0.77
CA GLU B 64 8.67 -21.13 0.47
C GLU B 64 7.40 -21.82 0.94
N GLU B 65 6.63 -22.41 0.02
CA GLU B 65 5.40 -23.11 0.40
C GLU B 65 5.71 -24.35 1.22
N CYS B 66 6.62 -25.20 0.73
CA CYS B 66 6.86 -26.50 1.32
C CYS B 66 7.61 -26.45 2.65
N LYS B 67 8.14 -25.28 3.04
CA LYS B 67 8.88 -25.14 4.28
C LYS B 67 8.06 -24.52 5.40
N GLN B 68 6.75 -24.36 5.22
CA GLN B 68 5.90 -23.68 6.18
C GLN B 68 4.88 -24.59 6.85
N TYR B 69 4.13 -25.37 6.07
CA TYR B 69 2.99 -26.11 6.60
C TYR B 69 3.37 -27.44 7.24
N LYS B 70 4.64 -27.66 7.57
CA LYS B 70 5.01 -28.89 8.28
C LYS B 70 4.40 -28.93 9.67
N ALA B 71 4.37 -27.78 10.36
CA ALA B 71 3.69 -27.71 11.65
C ALA B 71 2.19 -27.91 11.50
N VAL B 72 1.61 -27.44 10.40
CA VAL B 72 0.19 -27.68 10.12
C VAL B 72 -0.07 -29.18 9.95
N VAL B 73 0.84 -29.87 9.26
CA VAL B 73 0.69 -31.31 9.05
C VAL B 73 0.76 -32.06 10.38
N TYR B 74 1.76 -31.72 11.20
CA TYR B 74 1.92 -32.39 12.49
C TYR B 74 0.73 -32.11 13.42
N SER B 75 0.25 -30.87 13.42
CA SER B 75 -0.88 -30.51 14.29
C SER B 75 -2.17 -31.19 13.81
N ASN B 76 -2.37 -31.28 12.50
CA ASN B 76 -3.53 -32.00 11.98
C ASN B 76 -3.46 -33.48 12.31
N THR B 77 -2.27 -34.08 12.22
CA THR B 77 -2.11 -35.50 12.56
C THR B 77 -2.39 -35.75 14.05
N ILE B 78 -1.86 -34.90 14.93
CA ILE B 78 -2.11 -35.11 16.35
C ILE B 78 -3.56 -34.83 16.69
N GLN B 79 -4.20 -33.85 16.03
CA GLN B 79 -5.62 -33.62 16.25
C GLN B 79 -6.45 -34.82 15.81
N SER B 80 -6.12 -35.41 14.66
CA SER B 80 -6.87 -36.56 14.18
C SER B 80 -6.68 -37.78 15.09
N ILE B 81 -5.47 -37.99 15.61
CA ILE B 81 -5.26 -39.17 16.45
C ILE B 81 -5.91 -38.98 17.82
N ILE B 82 -5.87 -37.77 18.38
CA ILE B 82 -6.56 -37.58 19.67
C ILE B 82 -8.07 -37.61 19.46
N ALA B 83 -8.55 -37.18 18.28
CA ALA B 83 -9.97 -37.26 17.99
C ALA B 83 -10.43 -38.70 17.86
N ILE B 84 -9.63 -39.55 17.22
CA ILE B 84 -10.04 -40.95 17.10
C ILE B 84 -9.91 -41.68 18.44
N ILE B 85 -8.97 -41.25 19.30
CA ILE B 85 -8.89 -41.82 20.64
C ILE B 85 -10.12 -41.42 21.46
N ARG B 86 -10.53 -40.16 21.38
CA ARG B 86 -11.72 -39.71 22.10
C ARG B 86 -12.99 -40.33 21.54
N ALA B 87 -13.06 -40.55 20.22
CA ALA B 87 -14.22 -41.19 19.61
C ALA B 87 -14.24 -42.70 19.83
N MET B 88 -13.11 -43.30 20.20
CA MET B 88 -13.12 -44.70 20.61
C MET B 88 -13.95 -44.89 21.87
N GLY B 89 -13.83 -43.98 22.83
CA GLY B 89 -14.65 -43.98 24.02
C GLY B 89 -15.95 -43.24 23.82
N ARG B 90 -16.58 -42.88 24.94
CA ARG B 90 -17.84 -42.14 24.99
C ARG B 90 -18.96 -42.83 24.21
N SER B 98 -6.42 -56.35 24.70
CA SER B 98 -5.78 -56.77 23.46
C SER B 98 -5.37 -55.57 22.62
N ALA B 99 -5.87 -54.40 22.99
CA ALA B 99 -5.61 -53.14 22.28
C ALA B 99 -5.24 -52.05 23.27
N ARG B 100 -4.33 -52.36 24.19
CA ARG B 100 -3.87 -51.41 25.20
C ARG B 100 -2.43 -50.97 25.03
N ALA B 101 -1.57 -51.83 24.49
CA ALA B 101 -0.18 -51.44 24.23
C ALA B 101 -0.11 -50.35 23.16
N ASP B 102 -0.90 -50.49 22.10
CA ASP B 102 -0.95 -49.43 21.09
C ASP B 102 -1.63 -48.17 21.63
N ASP B 103 -2.54 -48.31 22.59
CA ASP B 103 -3.11 -47.14 23.25
C ASP B 103 -2.06 -46.39 24.07
N ALA B 104 -1.21 -47.13 24.78
CA ALA B 104 -0.10 -46.52 25.50
C ALA B 104 0.88 -45.86 24.55
N ARG B 105 1.11 -46.50 23.39
CA ARG B 105 1.96 -45.89 22.37
C ARG B 105 1.36 -44.59 21.84
N GLN B 106 0.04 -44.56 21.65
CA GLN B 106 -0.61 -43.34 21.19
C GLN B 106 -0.56 -42.24 22.25
N LEU B 107 -0.67 -42.62 23.53
CA LEU B 107 -0.49 -41.64 24.60
C LEU B 107 0.95 -41.12 24.62
N PHE B 108 1.92 -41.99 24.37
CA PHE B 108 3.32 -41.57 24.33
C PHE B 108 3.59 -40.61 23.17
N VAL B 109 3.01 -40.88 22.00
CA VAL B 109 3.24 -39.97 20.88
C VAL B 109 2.42 -38.69 21.05
N LEU B 110 1.31 -38.76 21.81
CA LEU B 110 0.59 -37.56 22.20
C LEU B 110 1.48 -36.66 23.07
N ALA B 111 2.14 -37.26 24.06
CA ALA B 111 3.06 -36.51 24.91
C ALA B 111 4.24 -35.97 24.12
N GLY B 112 4.75 -36.76 23.17
CA GLY B 112 5.85 -36.29 22.34
C GLY B 112 5.48 -35.13 21.45
N ALA B 113 4.28 -35.17 20.86
CA ALA B 113 3.82 -34.06 20.05
C ALA B 113 3.51 -32.82 20.90
N ALA B 114 3.03 -33.03 22.13
CA ALA B 114 2.88 -31.90 23.05
C ALA B 114 4.24 -31.32 23.43
N GLU B 115 5.29 -32.14 23.42
CA GLU B 115 6.65 -31.70 23.66
C GLU B 115 7.43 -31.50 22.36
N GLU B 116 6.76 -31.07 21.29
CA GLU B 116 7.31 -30.88 19.95
C GLU B 116 7.90 -32.18 19.40
N GLY B 117 9.21 -32.36 19.54
CA GLY B 117 9.85 -33.61 19.16
C GLY B 117 10.27 -33.72 17.71
N PHE B 118 9.95 -32.72 16.88
CA PHE B 118 10.34 -32.63 15.47
C PHE B 118 9.77 -33.83 14.72
N MET B 119 10.57 -34.64 14.05
CA MET B 119 10.05 -35.71 13.20
C MET B 119 10.80 -37.04 13.34
N THR B 120 11.95 -37.07 14.03
CA THR B 120 12.83 -38.24 13.98
C THR B 120 12.20 -39.47 14.61
N ALA B 121 11.53 -39.31 15.75
CA ALA B 121 11.06 -40.45 16.53
C ALA B 121 9.56 -40.66 16.48
N GLU B 122 8.77 -39.60 16.64
CA GLU B 122 7.33 -39.76 16.84
C GLU B 122 6.60 -40.14 15.55
N LEU B 123 7.04 -39.59 14.40
CA LEU B 123 6.33 -39.83 13.15
C LEU B 123 6.49 -41.27 12.69
N ALA B 124 7.67 -41.87 12.90
CA ALA B 124 7.86 -43.27 12.55
C ALA B 124 6.94 -44.17 13.38
N GLY B 125 6.81 -43.88 14.67
CA GLY B 125 5.90 -44.66 15.51
C GLY B 125 4.44 -44.48 15.12
N VAL B 126 4.04 -43.24 14.80
CA VAL B 126 2.63 -43.02 14.48
C VAL B 126 2.28 -43.54 13.09
N ILE B 127 3.24 -43.68 12.18
CA ILE B 127 2.95 -44.32 10.89
C ILE B 127 3.18 -45.83 10.94
N LYS B 128 3.83 -46.34 11.98
CA LYS B 128 4.00 -47.78 12.11
C LYS B 128 2.84 -48.43 12.86
N ARG B 129 2.49 -47.90 14.03
CA ARG B 129 1.56 -48.60 14.92
C ARG B 129 0.11 -48.50 14.46
N LEU B 130 -0.26 -47.45 13.72
CA LEU B 130 -1.65 -47.28 13.31
C LEU B 130 -2.06 -48.31 12.26
N TRP B 131 -1.16 -48.64 11.34
CA TRP B 131 -1.50 -49.54 10.25
C TRP B 131 -1.39 -51.02 10.62
N LYS B 132 -0.92 -51.34 11.82
CA LYS B 132 -0.84 -52.73 12.24
C LYS B 132 -2.21 -53.29 12.59
N ASP B 133 -3.07 -52.47 13.18
CA ASP B 133 -4.38 -52.92 13.62
C ASP B 133 -5.37 -52.92 12.44
N SER B 134 -6.53 -53.53 12.67
CA SER B 134 -7.58 -53.60 11.66
C SER B 134 -8.83 -52.81 12.04
N GLY B 135 -9.03 -52.51 13.32
CA GLY B 135 -10.16 -51.73 13.76
C GLY B 135 -10.04 -50.23 13.60
N VAL B 136 -8.90 -49.76 13.09
CA VAL B 136 -8.69 -48.33 12.89
C VAL B 136 -9.65 -47.79 11.84
N GLN B 137 -9.85 -48.53 10.75
CA GLN B 137 -10.80 -48.12 9.73
C GLN B 137 -12.23 -48.10 10.26
N ALA B 138 -12.59 -49.09 11.07
CA ALA B 138 -13.92 -49.11 11.67
C ALA B 138 -14.12 -47.93 12.63
N CYS B 139 -13.10 -47.60 13.42
CA CYS B 139 -13.19 -46.45 14.31
C CYS B 139 -13.30 -45.15 13.52
N PHE B 140 -12.56 -45.05 12.41
CA PHE B 140 -12.64 -43.86 11.57
C PHE B 140 -14.01 -43.73 10.92
N ASN B 141 -14.60 -44.85 10.53
CA ASN B 141 -15.96 -44.83 9.98
C ASN B 141 -16.98 -44.44 11.04
N ARG B 142 -16.79 -44.92 12.27
CA ARG B 142 -17.68 -44.52 13.36
C ARG B 142 -17.51 -43.06 13.73
N SER B 143 -16.31 -42.51 13.51
CA SER B 143 -16.05 -41.09 13.81
C SER B 143 -16.75 -40.14 12.85
N ARG B 144 -17.28 -40.64 11.73
CA ARG B 144 -17.94 -39.79 10.75
C ARG B 144 -19.30 -39.28 11.20
N GLU B 145 -19.80 -39.74 12.35
CA GLU B 145 -21.06 -39.22 12.89
C GLU B 145 -20.94 -37.73 13.23
N TYR B 146 -19.82 -37.34 13.82
CA TYR B 146 -19.53 -35.94 14.10
C TYR B 146 -18.64 -35.36 13.00
N GLN B 147 -18.59 -34.03 12.94
CA GLN B 147 -17.75 -33.35 11.96
C GLN B 147 -16.30 -33.37 12.41
N LEU B 148 -15.41 -33.82 11.52
CA LEU B 148 -14.00 -33.95 11.81
C LEU B 148 -13.21 -33.39 10.63
N ASN B 149 -11.91 -33.68 10.62
CA ASN B 149 -11.06 -33.29 9.50
C ASN B 149 -11.46 -34.06 8.25
N ASP B 150 -11.51 -33.36 7.11
CA ASP B 150 -11.96 -33.97 5.87
C ASP B 150 -10.91 -34.86 5.22
N SER B 151 -9.65 -34.74 5.62
CA SER B 151 -8.57 -35.50 4.99
C SER B 151 -7.61 -36.05 6.04
N ALA B 152 -8.16 -36.62 7.11
CA ALA B 152 -7.32 -37.21 8.15
C ALA B 152 -6.71 -38.53 7.67
N ALA B 153 -7.56 -39.46 7.25
CA ALA B 153 -7.06 -40.73 6.70
C ALA B 153 -6.33 -40.51 5.40
N TYR B 154 -6.66 -39.45 4.66
CA TYR B 154 -5.92 -39.10 3.46
C TYR B 154 -4.47 -38.75 3.80
N TYR B 155 -4.28 -37.94 4.86
CA TYR B 155 -2.93 -37.67 5.34
C TYR B 155 -2.27 -38.94 5.84
N LEU B 156 -3.03 -39.81 6.52
CA LEU B 156 -2.46 -41.02 7.09
C LEU B 156 -1.93 -41.97 6.03
N ASN B 157 -2.67 -42.15 4.93
CA ASN B 157 -2.23 -43.08 3.89
C ASN B 157 -1.47 -42.41 2.76
N ASP B 158 -1.28 -41.08 2.79
CA ASP B 158 -0.38 -40.43 1.85
C ASP B 158 0.79 -39.75 2.54
N LEU B 159 1.03 -40.05 3.82
CA LEU B 159 2.17 -39.51 4.55
C LEU B 159 3.13 -40.58 5.06
N ASP B 160 2.69 -41.83 5.21
CA ASP B 160 3.52 -42.88 5.77
C ASP B 160 4.64 -43.34 4.84
N ARG B 161 4.61 -42.96 3.56
CA ARG B 161 5.62 -43.42 2.62
C ARG B 161 6.95 -42.69 2.76
N ILE B 162 6.98 -41.54 3.43
CA ILE B 162 8.18 -40.73 3.55
C ILE B 162 8.41 -40.40 5.02
N ALA B 163 9.68 -40.38 5.44
CA ALA B 163 10.02 -40.06 6.82
C ALA B 163 11.26 -39.16 6.91
N GLN B 164 11.60 -38.45 5.84
CA GLN B 164 12.75 -37.57 5.88
C GLN B 164 12.46 -36.34 6.75
N PRO B 165 13.48 -35.81 7.43
CA PRO B 165 13.26 -34.60 8.26
C PRO B 165 12.78 -33.39 7.46
N ASN B 166 13.24 -33.23 6.23
CA ASN B 166 12.76 -32.19 5.32
C ASN B 166 12.23 -32.91 4.08
N TYR B 167 10.96 -33.31 4.14
CA TYR B 167 10.35 -34.13 3.10
C TYR B 167 9.61 -33.23 2.12
N ILE B 168 9.87 -33.44 0.82
CA ILE B 168 9.21 -32.69 -0.24
C ILE B 168 8.61 -33.72 -1.19
N PRO B 169 7.51 -34.41 -0.79
CA PRO B 169 6.97 -35.47 -1.65
C PRO B 169 6.38 -34.98 -2.96
N THR B 170 5.39 -34.09 -2.88
CA THR B 170 4.64 -33.66 -4.05
C THR B 170 4.18 -32.22 -3.86
N GLN B 171 3.78 -31.60 -4.97
CA GLN B 171 3.12 -30.30 -4.91
C GLN B 171 1.68 -30.40 -4.46
N GLN B 172 1.08 -31.60 -4.58
CA GLN B 172 -0.30 -31.82 -4.13
C GLN B 172 -0.45 -31.67 -2.62
N ASP B 173 0.62 -31.88 -1.86
CA ASP B 173 0.56 -31.74 -0.41
C ASP B 173 0.26 -30.30 -0.01
N VAL B 174 0.86 -29.33 -0.72
CA VAL B 174 0.59 -27.92 -0.46
C VAL B 174 -0.87 -27.61 -0.73
N LEU B 175 -1.44 -28.21 -1.78
CA LEU B 175 -2.84 -27.99 -2.10
C LEU B 175 -3.76 -28.59 -1.05
N ARG B 176 -3.45 -29.80 -0.59
CA ARG B 176 -4.35 -30.47 0.34
C ARG B 176 -4.25 -29.92 1.75
N THR B 177 -3.11 -29.36 2.14
CA THR B 177 -3.00 -28.81 3.50
C THR B 177 -3.56 -27.39 3.57
N ARG B 178 -3.35 -26.59 2.54
CA ARG B 178 -3.82 -25.21 2.55
C ARG B 178 -5.34 -25.16 2.44
N VAL B 179 -5.96 -24.32 3.28
CA VAL B 179 -7.41 -24.19 3.27
C VAL B 179 -7.84 -23.39 2.04
N LYS B 180 -8.85 -23.88 1.34
CA LYS B 180 -9.39 -23.17 0.19
C LYS B 180 -10.04 -21.85 0.63
N THR B 181 -9.71 -20.77 -0.07
CA THR B 181 -10.23 -19.46 0.27
C THR B 181 -11.67 -19.35 -0.22
N THR B 182 -12.58 -19.06 0.71
CA THR B 182 -13.99 -18.93 0.35
C THR B 182 -14.27 -17.61 -0.36
N GLY B 183 -13.49 -16.58 -0.07
CA GLY B 183 -13.76 -15.24 -0.54
C GLY B 183 -12.90 -14.82 -1.72
N ILE B 184 -11.84 -14.07 -1.43
CA ILE B 184 -10.95 -13.58 -2.47
C ILE B 184 -10.23 -14.75 -3.14
N VAL B 185 -10.18 -14.72 -4.47
CA VAL B 185 -9.61 -15.80 -5.27
C VAL B 185 -8.49 -15.22 -6.13
N GLU B 186 -7.33 -15.88 -6.12
CA GLU B 186 -6.15 -15.40 -6.82
C GLU B 186 -5.85 -16.29 -8.02
N THR B 187 -5.71 -15.68 -9.19
CA THR B 187 -5.27 -16.35 -10.40
C THR B 187 -4.12 -15.54 -10.99
N HIS B 188 -2.96 -16.17 -11.14
CA HIS B 188 -1.74 -15.48 -11.57
C HIS B 188 -1.25 -16.11 -12.88
N PHE B 189 -1.53 -15.43 -14.00
CA PHE B 189 -1.08 -15.87 -15.31
C PHE B 189 -0.20 -14.79 -15.93
N THR B 190 0.66 -15.21 -16.85
CA THR B 190 1.56 -14.31 -17.56
C THR B 190 1.25 -14.34 -19.05
N PHE B 191 1.47 -13.21 -19.72
CA PHE B 191 1.12 -13.08 -21.13
C PHE B 191 2.06 -12.04 -21.75
N LYS B 192 2.96 -12.51 -22.62
CA LYS B 192 3.91 -11.67 -23.36
C LYS B 192 4.78 -10.84 -22.40
N ASP B 193 5.54 -11.56 -21.58
CA ASP B 193 6.56 -11.00 -20.69
C ASP B 193 5.99 -10.01 -19.68
N LEU B 194 4.73 -10.18 -19.29
CA LEU B 194 4.10 -9.31 -18.32
C LEU B 194 3.21 -10.15 -17.43
N HIS B 195 3.20 -9.84 -16.13
CA HIS B 195 2.53 -10.68 -15.14
C HIS B 195 1.21 -10.06 -14.71
N PHE B 196 0.17 -10.89 -14.64
CA PHE B 196 -1.17 -10.46 -14.29
C PHE B 196 -1.63 -11.19 -13.03
N LYS B 197 -2.29 -10.47 -12.13
CA LYS B 197 -2.83 -11.00 -10.89
C LYS B 197 -4.31 -10.62 -10.83
N MET B 198 -5.18 -11.57 -11.13
CA MET B 198 -6.62 -11.30 -11.24
C MET B 198 -7.32 -11.79 -9.98
N PHE B 199 -8.20 -10.95 -9.43
CA PHE B 199 -8.88 -11.21 -8.17
C PHE B 199 -10.37 -11.39 -8.42
N ASP B 200 -10.93 -12.48 -7.91
CA ASP B 200 -12.36 -12.71 -7.94
C ASP B 200 -12.92 -12.49 -6.54
N VAL B 201 -13.90 -11.58 -6.42
CA VAL B 201 -14.44 -11.20 -5.13
C VAL B 201 -15.84 -11.76 -4.98
N GLY B 202 -16.12 -12.87 -5.64
CA GLY B 202 -17.44 -13.47 -5.57
C GLY B 202 -17.82 -14.00 -4.21
N GLY B 203 -16.84 -14.53 -3.47
CA GLY B 203 -17.13 -15.10 -2.16
C GLY B 203 -17.55 -14.06 -1.13
N GLN B 204 -16.91 -12.90 -1.15
CA GLN B 204 -17.24 -11.83 -0.20
C GLN B 204 -18.59 -11.25 -0.56
N ARG B 205 -19.60 -11.52 0.27
CA ARG B 205 -20.99 -11.17 -0.04
C ARG B 205 -21.66 -10.40 1.08
N SER B 206 -20.90 -9.74 1.96
CA SER B 206 -21.51 -9.06 3.11
C SER B 206 -21.77 -7.59 2.81
N GLU B 207 -20.70 -6.82 2.60
CA GLU B 207 -20.80 -5.38 2.31
C GLU B 207 -19.57 -5.01 1.51
N ARG B 208 -19.73 -4.69 0.24
CA ARG B 208 -18.58 -4.37 -0.59
C ARG B 208 -18.00 -3.00 -0.25
N LYS B 209 -18.75 -2.15 0.46
CA LYS B 209 -18.30 -0.79 0.75
C LYS B 209 -17.11 -0.74 1.71
N LYS B 210 -16.75 -1.86 2.35
CA LYS B 210 -15.65 -1.86 3.30
C LYS B 210 -14.49 -2.75 2.88
N TRP B 211 -14.45 -3.22 1.62
CA TRP B 211 -13.24 -3.84 1.11
C TRP B 211 -12.95 -3.47 -0.34
N ILE B 212 -13.74 -2.59 -0.95
CA ILE B 212 -13.34 -2.02 -2.24
C ILE B 212 -12.17 -1.07 -2.06
N HIS B 213 -12.09 -0.40 -0.91
CA HIS B 213 -10.94 0.44 -0.60
C HIS B 213 -9.69 -0.37 -0.34
N CYS B 214 -9.82 -1.68 -0.11
CA CYS B 214 -8.67 -2.53 0.12
C CYS B 214 -7.85 -2.76 -1.15
N PHE B 215 -8.41 -2.43 -2.32
CA PHE B 215 -7.65 -2.54 -3.57
C PHE B 215 -7.03 -1.18 -3.91
N GLU B 216 -7.89 -0.19 -4.23
CA GLU B 216 -7.60 1.24 -4.35
C GLU B 216 -6.30 1.50 -5.11
N GLY B 217 -6.26 1.15 -6.39
CA GLY B 217 -5.03 1.29 -7.12
C GLY B 217 -4.69 0.10 -7.97
N VAL B 218 -5.67 -0.77 -8.23
CA VAL B 218 -5.48 -1.83 -9.20
C VAL B 218 -5.33 -1.22 -10.59
N THR B 219 -4.58 -1.92 -11.44
CA THR B 219 -4.30 -1.42 -12.78
C THR B 219 -5.57 -1.29 -13.62
N ALA B 220 -6.44 -2.29 -13.56
CA ALA B 220 -7.65 -2.29 -14.37
C ALA B 220 -8.72 -3.15 -13.72
N ILE B 221 -9.95 -2.96 -14.17
CA ILE B 221 -11.12 -3.72 -13.72
C ILE B 221 -11.61 -4.55 -14.90
N ILE B 222 -12.12 -5.75 -14.61
CA ILE B 222 -12.48 -6.72 -15.64
C ILE B 222 -13.98 -6.95 -15.53
N PHE B 223 -14.73 -5.87 -15.25
CA PHE B 223 -16.18 -5.92 -15.07
C PHE B 223 -16.89 -6.63 -16.22
N CYS B 224 -17.53 -7.76 -15.90
CA CYS B 224 -18.14 -8.64 -16.89
C CYS B 224 -19.66 -8.55 -16.81
N VAL B 225 -20.30 -8.49 -17.97
CA VAL B 225 -21.75 -8.42 -18.09
C VAL B 225 -22.20 -9.43 -19.14
N ALA B 226 -23.22 -10.22 -18.82
CA ALA B 226 -23.82 -11.13 -19.78
C ALA B 226 -24.82 -10.37 -20.65
N LEU B 227 -24.70 -10.54 -21.97
CA LEU B 227 -25.55 -9.80 -22.90
C LEU B 227 -26.98 -10.34 -22.93
N SER B 228 -27.19 -11.59 -22.58
CA SER B 228 -28.50 -12.22 -22.74
C SER B 228 -29.41 -12.03 -21.55
N ASP B 229 -28.99 -11.30 -20.53
CA ASP B 229 -29.81 -11.04 -19.36
C ASP B 229 -30.66 -9.79 -19.52
N TYR B 230 -30.84 -9.31 -20.75
CA TYR B 230 -31.62 -8.09 -20.98
C TYR B 230 -33.12 -8.35 -20.77
N ASP B 231 -33.60 -9.52 -21.15
CA ASP B 231 -35.01 -9.86 -20.99
C ASP B 231 -35.25 -10.79 -19.81
N LEU B 232 -34.21 -11.09 -19.03
CA LEU B 232 -34.34 -11.99 -17.89
C LEU B 232 -34.67 -11.19 -16.63
N VAL B 233 -35.31 -11.85 -15.67
CA VAL B 233 -35.72 -11.23 -14.42
C VAL B 233 -35.19 -12.08 -13.28
N LEU B 234 -34.89 -11.41 -12.16
CA LEU B 234 -34.34 -12.10 -11.00
C LEU B 234 -35.41 -12.93 -10.31
N ALA B 235 -34.96 -13.95 -9.56
CA ALA B 235 -35.86 -14.73 -8.73
C ALA B 235 -36.23 -14.00 -7.44
N GLU B 236 -35.51 -12.94 -7.10
CA GLU B 236 -35.79 -12.15 -5.90
C GLU B 236 -36.94 -11.21 -6.20
N ASP B 237 -38.14 -11.61 -5.80
CA ASP B 237 -39.42 -10.89 -5.91
C ASP B 237 -39.90 -10.72 -7.35
N GLU B 238 -39.14 -11.18 -8.34
CA GLU B 238 -39.54 -11.17 -9.76
C GLU B 238 -39.88 -9.76 -10.25
N GLU B 239 -39.12 -8.77 -9.79
CA GLU B 239 -39.40 -7.38 -10.12
C GLU B 239 -38.16 -6.59 -10.51
N MET B 240 -37.00 -7.23 -10.66
CA MET B 240 -35.77 -6.55 -11.00
C MET B 240 -35.13 -7.20 -12.22
N ASN B 241 -34.83 -6.38 -13.23
CA ASN B 241 -34.12 -6.88 -14.40
C ASN B 241 -32.66 -7.08 -14.09
N ARG B 242 -32.07 -8.12 -14.69
CA ARG B 242 -30.68 -8.45 -14.39
C ARG B 242 -29.71 -7.48 -15.05
N MET B 243 -30.00 -7.05 -16.27
CA MET B 243 -29.14 -6.08 -16.93
C MET B 243 -29.25 -4.71 -16.25
N HIS B 244 -30.40 -4.39 -15.67
CA HIS B 244 -30.52 -3.13 -14.94
C HIS B 244 -29.69 -3.13 -13.66
N GLU B 245 -29.63 -4.26 -12.95
CA GLU B 245 -28.78 -4.28 -11.77
C GLU B 245 -27.31 -4.38 -12.15
N SER B 246 -27.00 -4.97 -13.30
CA SER B 246 -25.63 -4.88 -13.83
C SER B 246 -25.27 -3.43 -14.12
N MET B 247 -26.21 -2.67 -14.68
CA MET B 247 -25.98 -1.25 -14.93
C MET B 247 -25.81 -0.48 -13.63
N LYS B 248 -26.59 -0.81 -12.60
CA LYS B 248 -26.44 -0.07 -11.34
C LYS B 248 -25.14 -0.43 -10.64
N LEU B 249 -24.67 -1.68 -10.77
CA LEU B 249 -23.36 -2.03 -10.23
C LEU B 249 -22.24 -1.33 -10.99
N PHE B 250 -22.38 -1.22 -12.32
CA PHE B 250 -21.40 -0.48 -13.11
C PHE B 250 -21.41 1.00 -12.74
N ASP B 251 -22.59 1.55 -12.45
CA ASP B 251 -22.69 2.94 -12.03
C ASP B 251 -22.03 3.16 -10.68
N SER B 252 -22.19 2.21 -9.76
CA SER B 252 -21.55 2.34 -8.45
C SER B 252 -20.03 2.21 -8.57
N ILE B 253 -19.55 1.34 -9.45
CA ILE B 253 -18.11 1.18 -9.64
C ILE B 253 -17.50 2.40 -10.33
N CYS B 254 -18.18 2.93 -11.36
CA CYS B 254 -17.66 4.08 -12.08
C CYS B 254 -17.65 5.33 -11.20
N ASN B 255 -18.73 5.58 -10.48
CA ASN B 255 -18.83 6.74 -9.59
C ASN B 255 -18.36 6.39 -8.18
N ASN B 256 -17.16 5.85 -8.08
CA ASN B 256 -16.58 5.41 -6.82
C ASN B 256 -15.38 6.28 -6.48
N LYS B 257 -15.26 6.65 -5.20
CA LYS B 257 -14.15 7.50 -4.78
C LYS B 257 -12.81 6.77 -4.81
N TRP B 258 -12.82 5.45 -4.68
CA TRP B 258 -11.58 4.68 -4.76
C TRP B 258 -11.20 4.35 -6.18
N PHE B 259 -12.17 4.25 -7.09
CA PHE B 259 -11.94 4.00 -8.50
C PHE B 259 -12.45 5.21 -9.27
N THR B 260 -11.60 6.24 -9.39
CA THR B 260 -11.96 7.46 -10.06
C THR B 260 -11.17 7.71 -11.34
N ASP B 261 -10.06 6.99 -11.54
CA ASP B 261 -9.28 7.14 -12.75
C ASP B 261 -8.82 5.82 -13.34
N THR B 262 -9.13 4.69 -12.71
CA THR B 262 -8.73 3.40 -13.26
C THR B 262 -9.60 3.04 -14.47
N SER B 263 -9.02 2.26 -15.37
CA SER B 263 -9.72 1.86 -16.59
C SER B 263 -10.55 0.61 -16.33
N ILE B 264 -11.75 0.59 -16.87
CA ILE B 264 -12.67 -0.53 -16.72
C ILE B 264 -12.80 -1.21 -18.08
N ILE B 265 -12.55 -2.51 -18.12
CA ILE B 265 -12.59 -3.29 -19.33
C ILE B 265 -13.87 -4.11 -19.30
N LEU B 266 -14.91 -3.62 -19.97
CA LEU B 266 -16.20 -4.27 -19.96
C LEU B 266 -16.22 -5.45 -20.92
N PHE B 267 -16.61 -6.62 -20.40
CA PHE B 267 -16.67 -7.85 -21.18
C PHE B 267 -18.12 -8.26 -21.34
N LEU B 268 -18.66 -8.07 -22.54
CA LEU B 268 -20.02 -8.47 -22.87
C LEU B 268 -19.95 -9.92 -23.35
N ASN B 269 -20.37 -10.85 -22.51
CA ASN B 269 -19.92 -12.23 -22.58
C ASN B 269 -20.87 -13.19 -23.29
N LYS B 270 -22.18 -13.06 -23.12
CA LYS B 270 -23.12 -14.01 -23.69
C LYS B 270 -23.56 -13.50 -25.06
N LYS B 271 -22.71 -13.73 -26.05
CA LYS B 271 -22.88 -13.19 -27.40
C LYS B 271 -23.76 -14.10 -28.27
N ASP B 272 -23.45 -15.40 -28.33
CA ASP B 272 -24.26 -16.31 -29.12
C ASP B 272 -25.65 -16.49 -28.52
N LEU B 273 -25.76 -16.47 -27.20
CA LEU B 273 -27.09 -16.51 -26.59
C LEU B 273 -27.87 -15.23 -26.87
N PHE B 274 -27.17 -14.09 -26.96
CA PHE B 274 -27.83 -12.86 -27.39
C PHE B 274 -28.33 -12.98 -28.83
N GLU B 275 -27.52 -13.57 -29.71
CA GLU B 275 -27.95 -13.78 -31.09
C GLU B 275 -29.13 -14.75 -31.17
N GLU B 276 -29.22 -15.71 -30.25
CA GLU B 276 -30.38 -16.58 -30.21
C GLU B 276 -31.61 -15.84 -29.68
N LYS B 277 -31.41 -14.96 -28.69
CA LYS B 277 -32.54 -14.30 -28.03
C LYS B 277 -33.13 -13.16 -28.85
N ILE B 278 -32.33 -12.51 -29.71
CA ILE B 278 -32.85 -11.36 -30.44
C ILE B 278 -33.92 -11.76 -31.44
N LYS B 279 -33.81 -12.96 -32.02
CA LYS B 279 -34.69 -13.36 -33.11
C LYS B 279 -36.10 -13.70 -32.64
N LYS B 280 -36.25 -14.19 -31.41
CA LYS B 280 -37.55 -14.59 -30.89
C LYS B 280 -38.10 -13.66 -29.81
N SER B 281 -37.24 -12.87 -29.16
CA SER B 281 -37.69 -11.99 -28.09
C SER B 281 -37.51 -10.53 -28.50
N PRO B 282 -38.47 -9.67 -28.17
CA PRO B 282 -38.32 -8.25 -28.49
C PRO B 282 -37.22 -7.60 -27.67
N LEU B 283 -36.63 -6.56 -28.24
CA LEU B 283 -35.55 -5.83 -27.60
C LEU B 283 -36.03 -4.69 -26.72
N THR B 284 -37.34 -4.51 -26.60
CA THR B 284 -37.91 -3.40 -25.84
C THR B 284 -38.20 -3.76 -24.39
N ILE B 285 -37.94 -5.01 -23.97
CA ILE B 285 -38.17 -5.38 -22.58
C ILE B 285 -37.16 -4.70 -21.67
N CYS B 286 -35.88 -4.73 -22.05
CA CYS B 286 -34.86 -4.06 -21.25
C CYS B 286 -34.95 -2.55 -21.41
N TYR B 287 -35.12 -2.06 -22.64
CA TYR B 287 -35.17 -0.63 -22.93
C TYR B 287 -36.51 -0.32 -23.59
N PRO B 288 -37.53 0.06 -22.80
CA PRO B 288 -38.82 0.44 -23.41
C PRO B 288 -38.75 1.67 -24.28
N GLU B 289 -37.80 2.58 -24.01
CA GLU B 289 -37.66 3.79 -24.80
C GLU B 289 -36.85 3.58 -26.07
N TYR B 290 -36.29 2.39 -26.27
CA TYR B 290 -35.50 2.07 -27.45
C TYR B 290 -36.23 1.05 -28.31
N ALA B 291 -36.44 1.38 -29.58
CA ALA B 291 -36.85 0.39 -30.58
C ALA B 291 -36.24 0.84 -31.91
N GLY B 292 -35.04 0.35 -32.18
CA GLY B 292 -34.32 0.78 -33.37
C GLY B 292 -34.30 -0.26 -34.46
N SER B 293 -34.05 -1.52 -34.09
CA SER B 293 -33.95 -2.61 -35.05
C SER B 293 -34.17 -3.93 -34.29
N ASN B 294 -33.81 -5.03 -34.94
CA ASN B 294 -33.87 -6.34 -34.32
C ASN B 294 -32.61 -7.17 -34.57
N THR B 295 -31.61 -6.62 -35.24
CA THR B 295 -30.42 -7.38 -35.60
C THR B 295 -29.46 -7.46 -34.41
N TYR B 296 -28.43 -8.30 -34.56
CA TYR B 296 -27.45 -8.48 -33.49
C TYR B 296 -26.51 -7.27 -33.38
N GLU B 297 -26.08 -6.74 -34.52
CA GLU B 297 -25.06 -5.69 -34.52
C GLU B 297 -25.56 -4.41 -33.86
N GLU B 298 -26.72 -3.93 -34.27
CA GLU B 298 -27.22 -2.66 -33.74
C GLU B 298 -27.65 -2.80 -32.29
N ALA B 299 -28.23 -3.95 -31.93
CA ALA B 299 -28.63 -4.17 -30.54
C ALA B 299 -27.42 -4.25 -29.62
N ALA B 300 -26.39 -5.00 -30.01
CA ALA B 300 -25.19 -5.09 -29.19
C ALA B 300 -24.47 -3.76 -29.10
N ALA B 301 -24.42 -3.01 -30.21
CA ALA B 301 -23.81 -1.69 -30.19
C ALA B 301 -24.58 -0.73 -29.30
N TYR B 302 -25.92 -0.80 -29.32
CA TYR B 302 -26.72 0.05 -28.46
C TYR B 302 -26.55 -0.32 -26.99
N ILE B 303 -26.41 -1.61 -26.69
CA ILE B 303 -26.17 -2.04 -25.31
C ILE B 303 -24.83 -1.52 -24.83
N GLN B 304 -23.79 -1.63 -25.68
CA GLN B 304 -22.47 -1.12 -25.33
C GLN B 304 -22.49 0.39 -25.14
N CYS B 305 -23.20 1.11 -26.02
CA CYS B 305 -23.27 2.57 -25.92
C CYS B 305 -24.03 3.02 -24.69
N GLN B 306 -25.15 2.34 -24.37
CA GLN B 306 -25.91 2.65 -23.17
C GLN B 306 -25.18 2.20 -21.91
N PHE B 307 -24.17 1.35 -22.05
CA PHE B 307 -23.38 0.92 -20.91
C PHE B 307 -22.13 1.75 -20.70
N GLU B 308 -21.63 2.42 -21.76
CA GLU B 308 -20.44 3.26 -21.67
C GLU B 308 -20.72 4.70 -21.28
N ASP B 309 -21.97 5.16 -21.34
CA ASP B 309 -22.26 6.52 -20.94
C ASP B 309 -22.34 6.67 -19.43
N LEU B 310 -22.24 5.58 -18.68
CA LEU B 310 -22.20 5.62 -17.23
C LEU B 310 -20.90 6.19 -16.69
N ASN B 311 -19.87 6.32 -17.52
CA ASN B 311 -18.63 6.98 -17.13
C ASN B 311 -18.90 8.47 -17.02
N LYS B 312 -19.11 8.95 -15.79
CA LYS B 312 -19.44 10.35 -15.58
C LYS B 312 -18.24 11.28 -15.70
N ARG B 313 -17.02 10.74 -15.76
CA ARG B 313 -15.81 11.52 -15.98
C ARG B 313 -15.09 10.89 -17.17
N LYS B 314 -15.46 11.31 -18.37
CA LYS B 314 -14.90 10.74 -19.58
C LYS B 314 -13.58 11.39 -19.99
N ASP B 315 -13.22 12.53 -19.38
CA ASP B 315 -11.99 13.22 -19.74
C ASP B 315 -10.75 12.60 -19.12
N THR B 316 -10.91 11.72 -18.13
CA THR B 316 -9.78 11.08 -17.46
C THR B 316 -9.84 9.56 -17.48
N LYS B 317 -11.03 8.99 -17.32
CA LYS B 317 -11.18 7.53 -17.26
C LYS B 317 -11.53 7.00 -18.64
N GLU B 318 -10.85 5.93 -19.03
CA GLU B 318 -11.06 5.29 -20.34
C GLU B 318 -11.67 3.91 -20.13
N ILE B 319 -12.60 3.54 -20.99
CA ILE B 319 -13.28 2.25 -20.94
C ILE B 319 -13.02 1.54 -22.25
N TYR B 320 -12.57 0.29 -22.15
CA TYR B 320 -12.23 -0.53 -23.32
C TYR B 320 -13.18 -1.73 -23.35
N THR B 321 -14.15 -1.69 -24.25
CA THR B 321 -15.21 -2.69 -24.30
C THR B 321 -14.92 -3.72 -25.39
N HIS B 322 -15.07 -4.99 -25.04
CA HIS B 322 -14.82 -6.09 -25.99
C HIS B 322 -15.98 -7.07 -25.92
N PHE B 323 -16.35 -7.63 -27.07
CA PHE B 323 -17.37 -8.67 -27.16
C PHE B 323 -16.67 -10.01 -27.27
N THR B 324 -16.78 -10.83 -26.22
CA THR B 324 -16.18 -12.16 -26.19
C THR B 324 -17.27 -13.20 -26.01
N CYS B 325 -17.18 -14.31 -26.74
CA CYS B 325 -18.19 -15.37 -26.62
C CYS B 325 -17.61 -16.70 -26.12
N ALA B 326 -16.74 -17.36 -26.89
CA ALA B 326 -16.35 -18.71 -26.48
C ALA B 326 -14.85 -18.94 -26.30
N THR B 327 -14.08 -18.79 -27.39
CA THR B 327 -12.65 -19.11 -27.34
C THR B 327 -11.82 -17.84 -27.17
N ASP B 328 -11.83 -16.98 -28.18
CA ASP B 328 -11.33 -15.60 -28.15
C ASP B 328 -9.94 -15.49 -27.52
N THR B 329 -8.95 -16.02 -28.25
CA THR B 329 -7.56 -15.78 -27.89
C THR B 329 -7.25 -14.28 -27.84
N LYS B 330 -7.94 -13.49 -28.66
CA LYS B 330 -7.77 -12.04 -28.66
C LYS B 330 -8.40 -11.35 -27.46
N ASN B 331 -9.10 -12.08 -26.59
CA ASN B 331 -9.62 -11.48 -25.37
C ASN B 331 -8.49 -11.12 -24.40
N VAL B 332 -7.55 -12.05 -24.21
CA VAL B 332 -6.36 -11.77 -23.42
C VAL B 332 -5.53 -10.70 -24.10
N GLN B 333 -5.50 -10.68 -25.43
CA GLN B 333 -4.81 -9.62 -26.16
C GLN B 333 -5.46 -8.26 -25.92
N PHE B 334 -6.78 -8.21 -25.84
CA PHE B 334 -7.46 -6.96 -25.51
C PHE B 334 -7.12 -6.50 -24.09
N VAL B 335 -7.08 -7.45 -23.15
CA VAL B 335 -6.66 -7.13 -21.79
C VAL B 335 -5.24 -6.57 -21.79
N PHE B 336 -4.35 -7.19 -22.56
CA PHE B 336 -2.95 -6.76 -22.62
C PHE B 336 -2.83 -5.38 -23.24
N ASP B 337 -3.62 -5.09 -24.27
CA ASP B 337 -3.58 -3.77 -24.90
C ASP B 337 -4.08 -2.68 -23.96
N ALA B 338 -5.19 -2.94 -23.27
CA ALA B 338 -5.69 -1.96 -22.29
C ALA B 338 -4.70 -1.76 -21.16
N VAL B 339 -4.08 -2.86 -20.70
CA VAL B 339 -3.11 -2.78 -19.61
C VAL B 339 -1.87 -2.01 -20.03
N THR B 340 -1.38 -2.23 -21.26
CA THR B 340 -0.22 -1.48 -21.73
C THR B 340 -0.55 -0.01 -21.94
N ASP B 341 -1.79 0.30 -22.31
CA ASP B 341 -2.20 1.70 -22.35
C ASP B 341 -2.18 2.32 -20.96
N VAL B 342 -2.66 1.59 -19.96
CA VAL B 342 -2.63 2.09 -18.58
C VAL B 342 -1.19 2.26 -18.11
N ILE B 343 -0.30 1.33 -18.49
CA ILE B 343 1.10 1.42 -18.11
C ILE B 343 1.77 2.62 -18.78
N ILE B 344 1.40 2.90 -20.04
CA ILE B 344 1.92 4.07 -20.73
C ILE B 344 1.47 5.35 -20.02
N LYS B 345 0.19 5.41 -19.61
CA LYS B 345 -0.30 6.56 -18.87
C LYS B 345 0.44 6.72 -17.53
N ASN B 346 0.68 5.59 -16.84
CA ASN B 346 1.39 5.66 -15.57
C ASN B 346 2.84 6.09 -15.74
N ASN B 347 3.50 5.62 -16.79
CA ASN B 347 4.88 6.04 -17.06
C ASN B 347 4.95 7.51 -17.44
N LEU B 348 3.94 8.01 -18.16
CA LEU B 348 3.89 9.43 -18.46
C LEU B 348 3.63 10.25 -17.20
N LYS B 349 2.86 9.71 -16.25
CA LYS B 349 2.71 10.38 -14.97
C LYS B 349 4.01 10.38 -14.19
N ASP B 350 4.79 9.30 -14.30
CA ASP B 350 6.05 9.18 -13.59
C ASP B 350 7.13 10.07 -14.19
N CYS B 351 7.06 10.33 -15.50
CA CYS B 351 8.08 11.10 -16.20
C CYS B 351 7.80 12.60 -16.22
N GLY B 352 6.74 13.04 -15.56
CA GLY B 352 6.41 14.45 -15.57
C GLY B 352 5.99 14.97 -16.92
N LEU B 353 5.30 14.14 -17.70
CA LEU B 353 4.77 14.54 -19.01
C LEU B 353 3.26 14.68 -19.01
N PHE B 354 2.54 13.66 -18.55
CA PHE B 354 1.08 13.68 -18.59
C PHE B 354 0.49 14.68 -17.61
N GLN C 27 -47.89 -8.78 16.04
CA GLN C 27 -47.69 -9.98 16.84
C GLN C 27 -46.71 -9.73 17.97
N LEU C 28 -45.61 -10.49 17.98
CA LEU C 28 -44.57 -10.32 18.98
C LEU C 28 -43.56 -9.24 18.63
N ARG C 29 -43.65 -8.67 17.42
CA ARG C 29 -42.80 -7.52 17.09
C ARG C 29 -43.16 -6.32 17.97
N GLN C 30 -44.45 -6.10 18.21
CA GLN C 30 -44.87 -5.05 19.13
C GLN C 30 -44.43 -5.35 20.56
N GLU C 31 -44.41 -6.62 20.95
CA GLU C 31 -43.90 -7.00 22.27
C GLU C 31 -42.41 -6.69 22.39
N ALA C 32 -41.64 -7.00 21.35
CA ALA C 32 -40.22 -6.67 21.35
C ALA C 32 -40.00 -5.17 21.39
N GLU C 33 -40.80 -4.42 20.63
CA GLU C 33 -40.68 -2.97 20.63
C GLU C 33 -41.01 -2.37 21.99
N GLN C 34 -42.07 -2.88 22.65
CA GLN C 34 -42.46 -2.30 23.93
C GLN C 34 -41.50 -2.70 25.06
N LEU C 35 -40.89 -3.89 24.99
CA LEU C 35 -39.93 -4.20 26.05
C LEU C 35 -38.55 -3.60 25.78
N LYS C 36 -38.21 -3.33 24.51
CA LYS C 36 -37.07 -2.45 24.24
C LYS C 36 -37.34 -1.03 24.71
N ASN C 37 -38.59 -0.59 24.60
CA ASN C 37 -39.00 0.69 25.19
C ASN C 37 -38.80 0.66 26.69
N GLN C 38 -39.14 -0.46 27.32
CA GLN C 38 -38.89 -0.63 28.76
C GLN C 38 -37.40 -0.55 29.07
N ILE C 39 -36.55 -1.15 28.23
CA ILE C 39 -35.11 -1.13 28.47
C ILE C 39 -34.56 0.29 28.42
N ARG C 40 -34.88 1.04 27.34
CA ARG C 40 -34.26 2.36 27.33
C ARG C 40 -34.99 3.35 28.22
N ASP C 41 -36.22 3.03 28.66
CA ASP C 41 -36.84 3.82 29.72
C ASP C 41 -36.14 3.59 31.05
N ALA C 42 -35.74 2.34 31.33
CA ALA C 42 -34.94 2.07 32.52
C ALA C 42 -33.59 2.75 32.43
N ARG C 43 -33.00 2.80 31.24
CA ARG C 43 -31.75 3.52 31.04
C ARG C 43 -31.93 5.02 31.29
N LYS C 44 -33.05 5.59 30.80
CA LYS C 44 -33.32 7.00 31.01
C LYS C 44 -33.56 7.32 32.48
N ALA C 45 -34.28 6.45 33.18
CA ALA C 45 -34.52 6.65 34.61
C ALA C 45 -33.23 6.43 35.41
N CYS C 46 -32.30 5.63 34.88
CA CYS C 46 -31.03 5.41 35.55
C CYS C 46 -30.09 6.60 35.44
N ALA C 47 -30.38 7.55 34.56
CA ALA C 47 -29.53 8.72 34.38
C ALA C 47 -30.01 9.85 35.27
N ASP C 48 -29.12 10.35 36.13
CA ASP C 48 -29.45 11.44 37.03
C ASP C 48 -28.45 12.58 36.90
N ALA C 49 -27.23 12.25 36.49
CA ALA C 49 -26.20 13.26 36.28
C ALA C 49 -25.24 12.77 35.20
N THR C 50 -24.94 13.64 34.24
CA THR C 50 -24.03 13.30 33.17
C THR C 50 -22.58 13.32 33.66
N LEU C 51 -21.69 12.75 32.86
CA LEU C 51 -20.28 12.72 33.23
C LEU C 51 -19.64 14.09 33.14
N SER C 52 -20.23 15.01 32.36
CA SER C 52 -19.73 16.38 32.31
C SER C 52 -19.87 17.07 33.67
N GLN C 53 -21.01 16.89 34.34
CA GLN C 53 -21.23 17.55 35.61
C GLN C 53 -20.41 16.94 36.73
N ILE C 54 -20.11 15.64 36.65
CA ILE C 54 -19.30 15.01 37.69
C ILE C 54 -17.82 15.30 37.51
N THR C 55 -17.40 15.75 36.33
CA THR C 55 -16.03 16.16 36.07
C THR C 55 -15.92 17.63 35.74
N ASN C 56 -16.86 18.44 36.25
CA ASN C 56 -16.87 19.87 35.96
C ASN C 56 -15.98 20.66 36.90
N ASN C 57 -15.31 20.01 37.85
CA ASN C 57 -14.45 20.70 38.80
C ASN C 57 -13.00 20.23 38.78
N ILE C 58 -12.70 19.11 38.14
CA ILE C 58 -11.33 18.61 38.10
C ILE C 58 -10.52 19.47 37.12
N ASP C 59 -9.23 19.56 37.38
CA ASP C 59 -8.35 20.33 36.50
C ASP C 59 -8.10 19.55 35.20
N PRO C 60 -8.14 20.22 34.05
CA PRO C 60 -7.93 19.52 32.79
C PRO C 60 -6.46 19.16 32.58
N VAL C 61 -6.24 18.26 31.62
CA VAL C 61 -4.88 17.94 31.23
C VAL C 61 -4.24 19.09 30.45
N GLY C 62 -5.04 20.02 29.95
CA GLY C 62 -4.52 21.13 29.18
C GLY C 62 -4.11 20.71 27.78
N ARG C 63 -3.00 21.26 27.29
CA ARG C 63 -2.45 20.90 26.00
C ARG C 63 -1.22 20.03 26.21
N ILE C 64 -1.18 18.88 25.54
CA ILE C 64 -0.05 17.97 25.62
C ILE C 64 0.61 17.88 24.25
N GLN C 65 1.94 17.82 24.25
CA GLN C 65 2.73 17.75 23.04
C GLN C 65 3.46 16.41 22.99
N MET C 66 3.34 15.72 21.86
CA MET C 66 3.98 14.44 21.65
C MET C 66 4.78 14.50 20.37
N ARG C 67 5.98 13.91 20.39
CA ARG C 67 6.90 13.97 19.26
C ARG C 67 7.24 12.55 18.81
N THR C 68 7.46 12.39 17.51
CA THR C 68 7.82 11.10 16.94
C THR C 68 9.27 10.79 17.27
N ARG C 69 9.49 9.93 18.26
CA ARG C 69 10.83 9.49 18.58
C ARG C 69 11.33 8.46 17.58
N ARG C 70 10.44 7.58 17.12
CA ARG C 70 10.80 6.51 16.20
C ARG C 70 9.84 6.52 15.03
N THR C 71 10.39 6.50 13.82
CA THR C 71 9.61 6.28 12.61
C THR C 71 10.05 4.94 12.03
N LEU C 72 9.10 4.02 11.90
CA LEU C 72 9.41 2.62 11.62
C LEU C 72 9.23 2.40 10.12
N ARG C 73 10.23 2.87 9.36
CA ARG C 73 10.22 2.71 7.91
C ARG C 73 10.56 1.27 7.53
N GLY C 74 9.99 0.82 6.42
CA GLY C 74 10.23 -0.54 5.97
C GLY C 74 9.05 -1.19 5.30
N HIS C 75 7.84 -0.68 5.54
CA HIS C 75 6.70 -1.11 4.76
C HIS C 75 6.73 -0.43 3.40
N LEU C 76 6.03 -1.04 2.43
CA LEU C 76 5.97 -0.50 1.08
C LEU C 76 4.53 -0.42 0.56
N ALA C 77 3.55 -0.51 1.46
CA ALA C 77 2.16 -0.55 1.05
C ALA C 77 1.31 0.10 2.14
N LYS C 78 0.02 -0.17 2.12
CA LYS C 78 -0.94 0.51 2.98
C LYS C 78 -1.13 -0.28 4.27
N ILE C 79 -0.65 0.28 5.38
CA ILE C 79 -0.81 -0.35 6.69
C ILE C 79 -2.26 -0.28 7.13
N TYR C 80 -2.76 -1.37 7.72
CA TYR C 80 -4.14 -1.45 8.17
C TYR C 80 -4.28 -1.78 9.64
N ALA C 81 -3.38 -2.56 10.22
CA ALA C 81 -3.52 -3.01 11.60
C ALA C 81 -2.18 -2.94 12.32
N MET C 82 -2.26 -2.86 13.65
CA MET C 82 -1.08 -2.85 14.49
C MET C 82 -1.49 -3.34 15.88
N HIS C 83 -0.68 -4.21 16.47
CA HIS C 83 -0.85 -4.58 17.87
C HIS C 83 0.49 -4.49 18.58
N TRP C 84 0.46 -3.97 19.81
CA TRP C 84 1.66 -3.83 20.63
C TRP C 84 2.02 -5.17 21.26
N GLY C 85 2.97 -5.16 22.19
CA GLY C 85 3.33 -6.36 22.92
C GLY C 85 3.25 -6.13 24.41
N THR C 86 3.14 -7.24 25.14
CA THR C 86 3.08 -7.17 26.60
C THR C 86 4.42 -6.79 27.19
N ASP C 87 5.52 -7.09 26.50
CA ASP C 87 6.83 -6.64 26.92
C ASP C 87 7.08 -5.18 26.60
N SER C 88 6.13 -4.51 25.95
CA SER C 88 6.11 -3.08 25.66
C SER C 88 7.23 -2.64 24.72
N ARG C 89 7.97 -3.57 24.14
CA ARG C 89 9.08 -3.27 23.26
C ARG C 89 8.85 -3.66 21.82
N LEU C 90 8.25 -4.83 21.59
CA LEU C 90 8.02 -5.33 20.24
C LEU C 90 6.54 -5.20 19.89
N LEU C 91 6.27 -4.62 18.74
CA LEU C 91 4.93 -4.58 18.18
C LEU C 91 4.94 -5.29 16.83
N VAL C 92 3.76 -5.40 16.22
CA VAL C 92 3.62 -5.97 14.89
C VAL C 92 2.61 -5.13 14.11
N SER C 93 2.86 -4.98 12.82
CA SER C 93 1.95 -4.26 11.94
C SER C 93 1.90 -4.97 10.59
N ALA C 94 0.73 -4.88 9.95
CA ALA C 94 0.49 -5.52 8.67
C ALA C 94 0.07 -4.47 7.64
N SER C 95 0.48 -4.70 6.40
CA SER C 95 0.15 -3.79 5.30
C SER C 95 -0.23 -4.61 4.09
N GLN C 96 -0.38 -3.93 2.95
CA GLN C 96 -0.93 -4.52 1.73
C GLN C 96 0.12 -5.17 0.85
N ASP C 97 1.37 -5.25 1.31
CA ASP C 97 2.44 -5.88 0.54
C ASP C 97 2.59 -7.37 0.85
N GLY C 98 1.69 -7.92 1.67
CA GLY C 98 1.84 -9.29 2.12
C GLY C 98 3.01 -9.49 3.07
N LYS C 99 3.25 -8.53 3.97
CA LYS C 99 4.30 -8.64 4.97
C LYS C 99 3.73 -8.31 6.34
N LEU C 100 4.15 -9.08 7.33
CA LEU C 100 3.78 -8.90 8.73
C LEU C 100 5.08 -8.69 9.50
N ILE C 101 5.43 -7.43 9.74
CA ILE C 101 6.73 -7.05 10.27
C ILE C 101 6.60 -6.83 11.77
N ILE C 102 7.34 -7.61 12.56
CA ILE C 102 7.53 -7.33 13.98
C ILE C 102 8.68 -6.35 14.11
N TRP C 103 8.38 -5.17 14.62
CA TRP C 103 9.34 -4.08 14.70
C TRP C 103 10.08 -4.15 16.04
N ASP C 104 10.81 -3.08 16.35
CA ASP C 104 11.39 -2.87 17.67
C ASP C 104 11.20 -1.40 17.99
N SER C 105 10.48 -1.11 19.07
CA SER C 105 10.26 0.28 19.45
C SER C 105 11.52 0.94 19.98
N TYR C 106 12.44 0.15 20.54
CA TYR C 106 13.60 0.71 21.22
C TYR C 106 14.72 1.07 20.25
N THR C 107 15.21 0.10 19.48
CA THR C 107 16.34 0.30 18.60
C THR C 107 15.97 0.42 17.13
N THR C 108 14.67 0.36 16.81
CA THR C 108 14.16 0.35 15.43
C THR C 108 14.84 -0.76 14.62
N ASN C 109 14.49 -1.99 14.97
CA ASN C 109 15.02 -3.18 14.33
C ASN C 109 13.88 -4.10 13.89
N LYS C 110 13.95 -4.57 12.65
CA LYS C 110 12.94 -5.48 12.12
C LYS C 110 13.33 -6.90 12.52
N VAL C 111 12.67 -7.42 13.55
CA VAL C 111 12.99 -8.76 14.04
C VAL C 111 12.53 -9.81 13.05
N HIS C 112 11.30 -9.67 12.54
CA HIS C 112 10.72 -10.65 11.64
C HIS C 112 9.95 -9.95 10.53
N ALA C 113 9.75 -10.67 9.43
CA ALA C 113 8.90 -10.20 8.34
C ALA C 113 8.33 -11.45 7.65
N ILE C 114 7.08 -11.78 7.97
CA ILE C 114 6.45 -12.99 7.48
C ILE C 114 5.87 -12.76 6.09
N PRO C 115 6.17 -13.61 5.11
CA PRO C 115 5.46 -13.56 3.82
C PRO C 115 4.08 -14.17 3.95
N LEU C 116 3.05 -13.35 3.76
CA LEU C 116 1.68 -13.80 3.93
C LEU C 116 1.18 -14.49 2.68
N ARG C 117 0.33 -15.51 2.88
CA ARG C 117 -0.32 -16.18 1.77
C ARG C 117 -1.51 -15.39 1.24
N SER C 118 -1.97 -14.37 1.96
CA SER C 118 -3.05 -13.50 1.51
C SER C 118 -2.63 -12.05 1.73
N SER C 119 -2.51 -11.29 0.65
CA SER C 119 -2.08 -9.90 0.75
C SER C 119 -3.18 -9.03 1.36
N TRP C 120 -4.44 -9.42 1.24
CA TRP C 120 -5.57 -8.62 1.70
C TRP C 120 -5.83 -8.94 3.17
N VAL C 121 -5.20 -8.19 4.06
CA VAL C 121 -5.35 -8.36 5.50
C VAL C 121 -5.57 -6.99 6.14
N MET C 122 -6.44 -6.95 7.14
CA MET C 122 -6.63 -5.74 7.93
C MET C 122 -6.64 -6.00 9.42
N THR C 123 -6.23 -7.19 9.87
CA THR C 123 -6.10 -7.45 11.30
C THR C 123 -4.76 -8.12 11.58
N CYS C 124 -4.21 -7.81 12.74
CA CYS C 124 -3.05 -8.51 13.27
C CYS C 124 -3.13 -8.48 14.79
N ALA C 125 -2.66 -9.55 15.42
CA ALA C 125 -2.73 -9.70 16.87
C ALA C 125 -1.40 -10.20 17.40
N TYR C 126 -1.13 -9.89 18.66
CA TYR C 126 0.09 -10.32 19.32
C TYR C 126 -0.29 -10.99 20.62
N ALA C 127 0.23 -12.20 20.85
CA ALA C 127 -0.18 -13.00 21.98
C ALA C 127 0.29 -12.37 23.30
N PRO C 128 -0.45 -12.57 24.39
CA PRO C 128 0.03 -12.08 25.70
C PRO C 128 1.34 -12.71 26.13
N SER C 129 1.61 -13.95 25.74
CA SER C 129 2.89 -14.58 26.02
C SER C 129 3.99 -14.09 25.10
N GLY C 130 3.65 -13.41 24.02
CA GLY C 130 4.64 -12.97 23.05
C GLY C 130 5.14 -14.05 22.14
N ASN C 131 4.56 -15.25 22.19
CA ASN C 131 5.03 -16.38 21.42
C ASN C 131 4.32 -16.54 20.08
N TYR C 132 3.17 -15.89 19.90
CA TYR C 132 2.36 -16.10 18.70
C TYR C 132 1.89 -14.76 18.15
N VAL C 133 1.66 -14.73 16.84
CA VAL C 133 1.17 -13.55 16.14
C VAL C 133 0.12 -14.00 15.14
N ALA C 134 -0.97 -13.25 15.04
CA ALA C 134 -2.10 -13.61 14.19
C ALA C 134 -2.29 -12.57 13.09
N CYS C 135 -3.03 -12.98 12.06
CA CYS C 135 -3.40 -12.09 10.96
C CYS C 135 -4.61 -12.68 10.26
N GLY C 136 -5.26 -11.86 9.45
CA GLY C 136 -6.41 -12.33 8.68
C GLY C 136 -6.98 -11.20 7.85
N GLY C 137 -7.89 -11.58 6.96
CA GLY C 137 -8.49 -10.62 6.05
C GLY C 137 -9.54 -11.22 5.13
N LEU C 138 -9.49 -10.85 3.85
CA LEU C 138 -10.50 -11.29 2.90
C LEU C 138 -10.41 -12.77 2.56
N ASP C 139 -9.37 -13.46 2.99
CA ASP C 139 -9.22 -14.88 2.71
C ASP C 139 -9.98 -15.77 3.69
N ASN C 140 -10.73 -15.18 4.63
CA ASN C 140 -11.56 -15.88 5.61
C ASN C 140 -10.74 -16.78 6.52
N ILE C 141 -9.46 -16.47 6.71
CA ILE C 141 -8.53 -17.33 7.41
C ILE C 141 -7.82 -16.52 8.49
N CYS C 142 -7.85 -17.03 9.72
CA CYS C 142 -7.08 -16.45 10.83
C CYS C 142 -5.81 -17.27 10.98
N SER C 143 -4.76 -16.83 10.30
CA SER C 143 -3.48 -17.53 10.39
C SER C 143 -2.82 -17.24 11.73
N ILE C 144 -2.19 -18.27 12.29
CA ILE C 144 -1.44 -18.16 13.54
C ILE C 144 -0.01 -18.57 13.25
N TYR C 145 0.95 -17.75 13.69
CA TYR C 145 2.36 -17.97 13.44
C TYR C 145 3.10 -18.14 14.76
N ASN C 146 4.00 -19.12 14.80
CA ASN C 146 4.85 -19.37 15.96
C ASN C 146 6.14 -18.57 15.82
N LEU C 147 6.36 -17.64 16.74
CA LEU C 147 7.50 -16.73 16.66
C LEU C 147 8.78 -17.31 17.25
N LYS C 148 8.72 -18.44 17.95
CA LYS C 148 9.86 -19.01 18.64
C LYS C 148 9.99 -20.49 18.37
N THR C 149 9.94 -20.86 17.09
CA THR C 149 10.15 -22.25 16.70
C THR C 149 11.59 -22.67 16.96
N ARG C 150 11.81 -23.98 16.97
CA ARG C 150 13.15 -24.52 17.21
C ARG C 150 14.09 -24.24 16.04
N GLU C 151 13.56 -24.01 14.84
CA GLU C 151 14.41 -23.65 13.71
C GLU C 151 14.90 -22.21 13.81
N GLY C 152 14.19 -21.36 14.57
CA GLY C 152 14.56 -19.98 14.78
C GLY C 152 13.78 -19.00 13.91
N ASN C 153 13.22 -19.46 12.80
CA ASN C 153 12.42 -18.63 11.92
C ASN C 153 10.96 -18.65 12.39
N VAL C 154 10.07 -18.13 11.56
CA VAL C 154 8.64 -18.08 11.87
C VAL C 154 7.90 -19.02 10.92
N ARG C 155 7.09 -19.91 11.49
CA ARG C 155 6.33 -20.89 10.75
C ARG C 155 4.84 -20.56 10.81
N VAL C 156 4.03 -21.44 10.24
CA VAL C 156 2.58 -21.35 10.33
C VAL C 156 2.09 -22.54 11.13
N SER C 157 1.41 -22.28 12.24
CA SER C 157 0.97 -23.34 13.14
C SER C 157 -0.44 -23.83 12.79
N ARG C 158 -1.42 -22.94 12.81
CA ARG C 158 -2.80 -23.30 12.53
C ARG C 158 -3.50 -22.17 11.79
N GLU C 159 -4.35 -22.55 10.83
CA GLU C 159 -5.18 -21.62 10.08
C GLU C 159 -6.63 -21.86 10.49
N LEU C 160 -7.29 -20.81 10.98
CA LEU C 160 -8.64 -20.94 11.54
C LEU C 160 -9.66 -20.71 10.43
N ALA C 161 -10.31 -21.79 10.00
CA ALA C 161 -11.31 -21.75 8.95
C ALA C 161 -12.68 -22.04 9.53
N GLY C 162 -13.71 -21.41 8.94
CA GLY C 162 -15.05 -21.54 9.43
C GLY C 162 -15.84 -20.26 9.29
N HIS C 163 -15.16 -19.19 8.90
CA HIS C 163 -15.78 -17.89 8.69
C HIS C 163 -16.04 -17.68 7.20
N THR C 164 -17.11 -16.94 6.91
CA THR C 164 -17.49 -16.66 5.53
C THR C 164 -17.44 -15.17 5.21
N GLY C 165 -16.73 -14.39 6.03
CA GLY C 165 -16.56 -12.97 5.77
C GLY C 165 -15.16 -12.52 6.14
N TYR C 166 -14.83 -11.30 5.74
CA TYR C 166 -13.48 -10.79 5.93
C TYR C 166 -13.18 -10.58 7.42
N LEU C 167 -12.00 -11.02 7.83
CA LEU C 167 -11.62 -11.02 9.24
C LEU C 167 -11.09 -9.65 9.60
N SER C 168 -11.85 -8.91 10.41
CA SER C 168 -11.55 -7.51 10.68
C SER C 168 -10.72 -7.28 11.93
N CYS C 169 -10.90 -8.08 12.98
CA CYS C 169 -10.12 -7.89 14.21
C CYS C 169 -10.03 -9.20 14.98
N CYS C 170 -8.82 -9.61 15.32
CA CYS C 170 -8.59 -10.79 16.14
C CYS C 170 -7.76 -10.40 17.36
N ARG C 171 -8.04 -11.04 18.49
CA ARG C 171 -7.33 -10.78 19.73
C ARG C 171 -7.05 -12.09 20.44
N PHE C 172 -5.84 -12.22 20.99
CA PHE C 172 -5.43 -13.44 21.66
C PHE C 172 -5.83 -13.38 23.13
N LEU C 173 -6.67 -14.33 23.56
CA LEU C 173 -6.98 -14.45 24.98
C LEU C 173 -5.77 -14.96 25.76
N ASP C 174 -5.17 -16.03 25.27
CA ASP C 174 -4.05 -16.68 25.92
C ASP C 174 -3.32 -17.49 24.85
N ASP C 175 -2.49 -18.44 25.28
CA ASP C 175 -1.76 -19.28 24.34
C ASP C 175 -2.66 -20.24 23.58
N ASN C 176 -3.91 -20.42 24.00
CA ASN C 176 -4.80 -21.44 23.43
C ASN C 176 -6.04 -20.88 22.76
N GLN C 177 -6.60 -19.77 23.24
CA GLN C 177 -7.84 -19.24 22.71
C GLN C 177 -7.61 -17.89 22.05
N ILE C 178 -8.31 -17.67 20.95
CA ILE C 178 -8.26 -16.42 20.22
C ILE C 178 -9.67 -16.08 19.73
N VAL C 179 -10.11 -14.84 19.95
CA VAL C 179 -11.43 -14.38 19.56
C VAL C 179 -11.30 -13.53 18.30
N THR C 180 -12.19 -13.77 17.34
CA THR C 180 -12.13 -13.13 16.03
C THR C 180 -13.47 -12.52 15.68
N SER C 181 -13.44 -11.41 14.94
CA SER C 181 -14.62 -10.79 14.37
C SER C 181 -14.53 -10.89 12.86
N SER C 182 -15.63 -11.28 12.22
CA SER C 182 -15.62 -11.64 10.81
C SER C 182 -16.63 -10.80 10.05
N GLY C 183 -16.67 -11.01 8.73
CA GLY C 183 -17.63 -10.32 7.91
C GLY C 183 -19.01 -10.94 7.88
N ASP C 184 -19.17 -12.14 8.44
CA ASP C 184 -20.43 -12.84 8.46
C ASP C 184 -21.31 -12.46 9.64
N THR C 185 -21.10 -11.27 10.20
CA THR C 185 -21.84 -10.68 11.32
C THR C 185 -21.82 -11.56 12.58
N THR C 186 -20.85 -12.46 12.71
CA THR C 186 -20.69 -13.27 13.91
C THR C 186 -19.26 -13.20 14.40
N CYS C 187 -19.10 -13.14 15.71
CA CYS C 187 -17.81 -13.34 16.36
C CYS C 187 -17.61 -14.83 16.64
N ALA C 188 -16.39 -15.18 17.01
CA ALA C 188 -16.08 -16.59 17.24
C ALA C 188 -14.91 -16.72 18.20
N LEU C 189 -15.01 -17.65 19.13
CA LEU C 189 -13.92 -18.01 20.03
C LEU C 189 -13.35 -19.35 19.59
N TRP C 190 -12.05 -19.40 19.39
CA TRP C 190 -11.40 -20.56 18.81
C TRP C 190 -10.53 -21.28 19.84
N ASP C 191 -10.19 -22.52 19.49
CA ASP C 191 -9.15 -23.28 20.17
C ASP C 191 -8.08 -23.60 19.15
N ILE C 192 -6.82 -23.35 19.49
CA ILE C 192 -5.75 -23.36 18.51
C ILE C 192 -5.48 -24.77 18.01
N GLU C 193 -5.35 -25.73 18.93
CA GLU C 193 -4.94 -27.08 18.53
C GLU C 193 -6.05 -27.88 17.85
N THR C 194 -7.29 -27.39 17.88
CA THR C 194 -8.38 -28.07 17.20
C THR C 194 -8.91 -27.33 15.99
N GLY C 195 -8.69 -26.02 15.90
CA GLY C 195 -9.16 -25.24 14.77
C GLY C 195 -10.66 -25.08 14.70
N GLN C 196 -11.37 -25.29 15.80
CA GLN C 196 -12.82 -25.29 15.83
C GLN C 196 -13.32 -24.18 16.72
N GLN C 197 -14.39 -23.52 16.30
CA GLN C 197 -15.01 -22.47 17.10
C GLN C 197 -15.75 -23.13 18.26
N THR C 198 -15.15 -23.08 19.46
CA THR C 198 -15.81 -23.62 20.64
C THR C 198 -17.05 -22.81 21.02
N THR C 199 -17.11 -21.55 20.61
CA THR C 199 -18.24 -20.69 20.92
C THR C 199 -18.45 -19.73 19.75
N THR C 200 -19.72 -19.52 19.37
CA THR C 200 -20.09 -18.56 18.35
C THR C 200 -20.93 -17.47 18.98
N PHE C 201 -20.64 -16.21 18.64
CA PHE C 201 -21.32 -15.06 19.22
C PHE C 201 -22.16 -14.41 18.13
N THR C 202 -23.39 -14.90 17.99
CA THR C 202 -24.32 -14.38 16.99
C THR C 202 -25.27 -13.37 17.64
N GLY C 203 -25.79 -12.47 16.82
CA GLY C 203 -26.73 -11.48 17.30
C GLY C 203 -26.56 -10.12 16.64
N HIS C 204 -25.50 -9.96 15.86
CA HIS C 204 -25.22 -8.71 15.18
C HIS C 204 -25.93 -8.68 13.83
N THR C 205 -26.75 -7.65 13.61
CA THR C 205 -27.37 -7.43 12.32
C THR C 205 -26.54 -6.50 11.45
N GLY C 206 -25.26 -6.82 11.34
CA GLY C 206 -24.31 -5.98 10.63
C GLY C 206 -22.89 -6.48 10.79
N ASP C 207 -21.99 -6.02 9.93
CA ASP C 207 -20.63 -6.55 9.85
C ASP C 207 -19.81 -6.04 11.01
N VAL C 208 -19.40 -6.93 11.92
CA VAL C 208 -18.53 -6.55 13.02
C VAL C 208 -17.15 -6.19 12.47
N MET C 209 -16.60 -5.08 12.94
CA MET C 209 -15.36 -4.54 12.42
C MET C 209 -14.24 -4.48 13.44
N SER C 210 -14.54 -4.60 14.73
CA SER C 210 -13.51 -4.49 15.76
C SER C 210 -14.01 -5.13 17.03
N LEU C 211 -13.11 -5.77 17.75
CA LEU C 211 -13.37 -6.27 19.09
C LEU C 211 -12.20 -5.94 20.00
N SER C 212 -12.50 -5.80 21.29
CA SER C 212 -11.49 -5.56 22.31
C SER C 212 -11.70 -6.52 23.46
N LEU C 213 -10.62 -7.18 23.87
CA LEU C 213 -10.68 -8.09 25.00
C LEU C 213 -10.62 -7.31 26.31
N ALA C 214 -11.30 -7.84 27.32
CA ALA C 214 -11.28 -7.23 28.63
C ALA C 214 -9.91 -7.43 29.28
N PRO C 215 -9.52 -6.54 30.19
CA PRO C 215 -8.24 -6.76 30.91
C PRO C 215 -8.20 -8.03 31.73
N ASP C 216 -9.34 -8.50 32.22
CA ASP C 216 -9.42 -9.75 32.98
C ASP C 216 -9.75 -10.95 32.09
N THR C 217 -9.71 -10.77 30.76
CA THR C 217 -9.89 -11.79 29.71
C THR C 217 -11.12 -12.68 29.93
N ARG C 218 -12.15 -12.14 30.58
CA ARG C 218 -13.39 -12.86 30.81
C ARG C 218 -14.52 -12.37 29.92
N LEU C 219 -14.46 -11.12 29.46
CA LEU C 219 -15.42 -10.57 28.51
C LEU C 219 -14.68 -10.05 27.28
N PHE C 220 -15.46 -9.70 26.27
CA PHE C 220 -15.00 -8.91 25.14
C PHE C 220 -16.21 -8.24 24.51
N VAL C 221 -16.00 -7.04 23.98
CA VAL C 221 -17.06 -6.26 23.35
C VAL C 221 -16.67 -6.00 21.90
N SER C 222 -17.66 -6.07 21.01
CA SER C 222 -17.45 -5.89 19.59
C SER C 222 -18.49 -4.92 19.03
N GLY C 223 -18.11 -4.20 17.98
CA GLY C 223 -19.00 -3.27 17.33
C GLY C 223 -19.13 -3.60 15.85
N ALA C 224 -20.26 -3.23 15.27
CA ALA C 224 -20.60 -3.64 13.92
C ALA C 224 -21.11 -2.44 13.11
N CYS C 225 -21.39 -2.72 11.82
CA CYS C 225 -21.89 -1.73 10.89
C CYS C 225 -23.32 -1.31 11.17
N ASP C 226 -24.04 -2.03 12.02
CA ASP C 226 -25.40 -1.66 12.41
C ASP C 226 -25.44 -0.62 13.52
N ALA C 227 -24.31 0.05 13.77
CA ALA C 227 -24.19 1.11 14.78
C ALA C 227 -24.59 0.62 16.17
N SER C 228 -24.18 -0.60 16.51
CA SER C 228 -24.43 -1.16 17.82
C SER C 228 -23.20 -1.90 18.31
N ALA C 229 -22.99 -1.85 19.63
CA ALA C 229 -21.94 -2.60 20.28
C ALA C 229 -22.58 -3.63 21.20
N LYS C 230 -21.95 -4.80 21.32
CA LYS C 230 -22.47 -5.89 22.11
C LYS C 230 -21.36 -6.51 22.93
N LEU C 231 -21.63 -6.72 24.22
CA LEU C 231 -20.70 -7.38 25.13
C LEU C 231 -21.06 -8.85 25.23
N TRP C 232 -20.05 -9.71 25.24
CA TRP C 232 -20.25 -11.14 25.26
C TRP C 232 -19.50 -11.75 26.44
N ASP C 233 -20.02 -12.86 26.93
CA ASP C 233 -19.30 -13.70 27.87
C ASP C 233 -18.51 -14.74 27.10
N VAL C 234 -17.23 -14.87 27.43
CA VAL C 234 -16.42 -15.92 26.80
C VAL C 234 -16.86 -17.29 27.27
N ARG C 235 -17.27 -17.40 28.53
CA ARG C 235 -17.62 -18.71 29.09
C ARG C 235 -18.97 -19.21 28.59
N GLU C 236 -20.05 -18.48 28.88
CA GLU C 236 -21.39 -18.97 28.55
C GLU C 236 -21.84 -18.54 27.16
N GLY C 237 -21.10 -17.66 26.49
CA GLY C 237 -21.29 -17.42 25.08
C GLY C 237 -22.60 -16.79 24.66
N MET C 238 -23.09 -15.82 25.41
CA MET C 238 -24.33 -15.13 25.08
C MET C 238 -24.16 -13.65 25.37
N CYS C 239 -24.79 -12.83 24.54
CA CYS C 239 -24.71 -11.38 24.71
C CYS C 239 -25.38 -10.94 26.00
N ARG C 240 -24.76 -10.00 26.70
CA ARG C 240 -25.28 -9.48 27.96
C ARG C 240 -25.87 -8.09 27.81
N GLN C 241 -25.20 -7.19 27.09
CA GLN C 241 -25.65 -5.82 26.96
C GLN C 241 -25.52 -5.38 25.50
N THR C 242 -26.35 -4.41 25.11
CA THR C 242 -26.26 -3.80 23.80
C THR C 242 -26.28 -2.29 23.95
N PHE C 243 -25.59 -1.61 23.03
CA PHE C 243 -25.37 -0.17 23.12
C PHE C 243 -25.63 0.44 21.75
N THR C 244 -26.66 1.27 21.64
CA THR C 244 -27.09 1.83 20.36
C THR C 244 -26.89 3.33 20.31
N GLY C 245 -25.76 3.82 20.83
CA GLY C 245 -25.50 5.25 20.82
C GLY C 245 -25.19 5.78 19.44
N HIS C 246 -24.33 5.07 18.70
CA HIS C 246 -23.88 5.56 17.41
C HIS C 246 -24.97 5.40 16.36
N GLU C 247 -24.77 6.05 15.21
CA GLU C 247 -25.79 6.00 14.17
C GLU C 247 -25.24 5.51 12.84
N SER C 248 -23.96 5.76 12.57
CA SER C 248 -23.39 5.36 11.29
C SER C 248 -22.97 3.89 11.29
N ASP C 249 -21.95 3.56 12.08
CA ASP C 249 -21.40 2.21 12.19
C ASP C 249 -20.45 2.19 13.39
N ILE C 250 -19.69 1.11 13.52
CA ILE C 250 -18.59 1.00 14.49
C ILE C 250 -17.37 0.51 13.74
N ASN C 251 -16.30 1.30 13.76
CA ASN C 251 -15.04 0.91 13.13
C ASN C 251 -13.97 0.51 14.13
N ALA C 252 -14.06 0.97 15.38
CA ALA C 252 -13.05 0.67 16.38
C ALA C 252 -13.71 0.59 17.74
N ILE C 253 -13.02 -0.10 18.67
CA ILE C 253 -13.52 -0.26 20.02
C ILE C 253 -12.35 -0.62 20.91
N CYS C 254 -12.39 -0.18 22.17
CA CYS C 254 -11.28 -0.41 23.09
C CYS C 254 -11.77 -0.32 24.51
N PHE C 255 -11.45 -1.33 25.32
CA PHE C 255 -11.85 -1.34 26.73
C PHE C 255 -11.08 -0.31 27.54
N PHE C 256 -11.70 0.11 28.65
CA PHE C 256 -11.02 0.91 29.64
C PHE C 256 -10.04 0.03 30.41
N PRO C 257 -8.99 0.60 30.99
CA PRO C 257 -8.03 -0.21 31.76
C PRO C 257 -8.64 -1.00 32.91
N ASN C 258 -9.66 -0.47 33.58
CA ASN C 258 -10.30 -1.22 34.65
C ASN C 258 -11.40 -2.15 34.17
N GLY C 259 -11.77 -2.08 32.90
CA GLY C 259 -12.75 -2.98 32.33
C GLY C 259 -14.19 -2.63 32.62
N ASN C 260 -14.47 -1.45 33.16
CA ASN C 260 -15.84 -1.04 33.49
C ASN C 260 -16.44 -0.09 32.47
N ALA C 261 -15.74 0.20 31.37
CA ALA C 261 -16.25 1.03 30.30
C ALA C 261 -15.48 0.69 29.03
N PHE C 262 -15.86 1.35 27.93
CA PHE C 262 -15.13 1.25 26.68
C PHE C 262 -15.48 2.45 25.81
N ALA C 263 -14.68 2.66 24.78
CA ALA C 263 -14.88 3.73 23.82
C ALA C 263 -15.04 3.15 22.42
N THR C 264 -15.81 3.84 21.58
CA THR C 264 -16.17 3.34 20.27
C THR C 264 -15.86 4.38 19.20
N GLY C 265 -15.16 3.97 18.15
CA GLY C 265 -15.01 4.77 16.96
C GLY C 265 -16.08 4.45 15.94
N SER C 266 -16.36 5.43 15.08
CA SER C 266 -17.47 5.32 14.14
C SER C 266 -17.13 6.12 12.89
N ASP C 267 -18.14 6.42 12.08
CA ASP C 267 -17.97 7.19 10.86
C ASP C 267 -18.72 8.51 10.85
N ASP C 268 -19.47 8.84 11.90
CA ASP C 268 -20.17 10.12 11.99
C ASP C 268 -19.39 11.14 12.79
N ALA C 269 -18.06 11.01 12.82
CA ALA C 269 -17.14 11.95 13.48
C ALA C 269 -17.42 12.07 14.97
N THR C 270 -17.55 10.92 15.63
CA THR C 270 -17.84 10.89 17.06
C THR C 270 -17.21 9.66 17.68
N CYS C 271 -16.53 9.85 18.81
CA CYS C 271 -16.13 8.77 19.69
C CYS C 271 -17.05 8.79 20.90
N ARG C 272 -17.59 7.64 21.26
CA ARG C 272 -18.56 7.55 22.35
C ARG C 272 -18.01 6.65 23.45
N LEU C 273 -18.02 7.15 24.68
CA LEU C 273 -17.60 6.37 25.84
C LEU C 273 -18.83 5.73 26.46
N PHE C 274 -19.03 4.45 26.20
CA PHE C 274 -20.16 3.72 26.75
C PHE C 274 -19.82 3.22 28.15
N ASP C 275 -20.68 2.36 28.69
CA ASP C 275 -20.53 1.90 30.06
C ASP C 275 -21.05 0.48 30.18
N LEU C 276 -20.61 -0.21 31.22
CA LEU C 276 -21.02 -1.60 31.46
C LEU C 276 -22.10 -1.69 32.53
N ARG C 277 -21.81 -1.18 33.73
CA ARG C 277 -22.74 -1.31 34.85
C ARG C 277 -23.91 -0.35 34.77
N ALA C 278 -23.88 0.64 33.88
CA ALA C 278 -24.99 1.54 33.71
C ALA C 278 -25.61 1.51 32.31
N ASP C 279 -24.87 1.03 31.30
CA ASP C 279 -25.40 0.66 29.99
C ASP C 279 -25.93 1.86 29.20
N GLN C 280 -25.26 3.00 29.29
CA GLN C 280 -25.66 4.13 28.46
C GLN C 280 -24.46 4.75 27.75
N GLU C 281 -24.69 5.89 27.11
CA GLU C 281 -23.65 6.66 26.44
C GLU C 281 -23.25 7.78 27.40
N LEU C 282 -22.09 7.61 28.04
CA LEU C 282 -21.67 8.55 29.08
C LEU C 282 -21.21 9.87 28.47
N MET C 283 -20.21 9.82 27.60
CA MET C 283 -19.55 11.04 27.13
C MET C 283 -19.39 11.00 25.61
N THR C 284 -19.63 12.14 24.97
CA THR C 284 -19.50 12.30 23.53
C THR C 284 -18.24 13.11 23.23
N TYR C 285 -17.35 12.53 22.44
CA TYR C 285 -16.12 13.19 22.00
C TYR C 285 -16.30 13.51 20.51
N SER C 286 -16.85 14.68 20.22
CA SER C 286 -17.11 15.11 18.86
C SER C 286 -16.80 16.60 18.73
N HIS C 287 -16.42 16.99 17.52
CA HIS C 287 -16.12 18.40 17.22
C HIS C 287 -16.71 18.73 15.86
N ASP C 288 -17.07 19.99 15.67
CA ASP C 288 -17.77 20.43 14.47
C ASP C 288 -16.83 20.77 13.31
N ASN C 289 -15.57 20.32 13.34
CA ASN C 289 -14.62 20.59 12.28
C ASN C 289 -13.86 19.35 11.86
N ILE C 290 -14.20 18.18 12.42
CA ILE C 290 -13.41 16.96 12.26
C ILE C 290 -14.33 15.91 11.62
N ILE C 291 -15.14 16.35 10.66
CA ILE C 291 -16.22 15.56 10.07
C ILE C 291 -15.78 14.24 9.42
N CYS C 292 -14.48 13.99 9.30
CA CYS C 292 -14.00 12.70 8.81
C CYS C 292 -14.31 11.59 9.81
N GLY C 293 -14.04 10.34 9.38
CA GLY C 293 -14.34 9.18 10.19
C GLY C 293 -13.23 8.84 11.18
N ILE C 294 -13.45 7.75 11.92
CA ILE C 294 -12.53 7.26 12.94
C ILE C 294 -12.24 5.79 12.65
N THR C 295 -10.96 5.44 12.64
CA THR C 295 -10.54 4.06 12.35
C THR C 295 -10.05 3.30 13.57
N SER C 296 -9.53 4.00 14.58
CA SER C 296 -8.82 3.34 15.66
C SER C 296 -9.03 4.12 16.96
N VAL C 297 -9.08 3.38 18.08
CA VAL C 297 -9.14 3.97 19.42
C VAL C 297 -8.26 3.16 20.35
N SER C 298 -7.68 3.85 21.34
CA SER C 298 -6.95 3.18 22.42
C SER C 298 -6.99 4.07 23.65
N PHE C 299 -6.69 3.46 24.79
CA PHE C 299 -6.61 4.15 26.07
C PHE C 299 -5.21 4.03 26.65
N SER C 300 -4.82 5.01 27.45
CA SER C 300 -3.54 4.97 28.16
C SER C 300 -3.70 4.11 29.41
N LYS C 301 -2.68 4.07 30.26
CA LYS C 301 -2.77 3.31 31.50
C LYS C 301 -3.75 3.94 32.47
N SER C 302 -3.66 5.26 32.65
CA SER C 302 -4.56 5.95 33.57
C SER C 302 -5.99 5.98 33.07
N GLY C 303 -6.19 5.88 31.76
CA GLY C 303 -7.50 5.94 31.17
C GLY C 303 -8.03 7.33 30.92
N ARG C 304 -7.28 8.37 31.27
CA ARG C 304 -7.74 9.74 31.06
C ARG C 304 -7.47 10.25 29.65
N LEU C 305 -6.78 9.48 28.81
CA LEU C 305 -6.31 9.96 27.52
C LEU C 305 -6.76 8.99 26.45
N LEU C 306 -7.87 9.30 25.77
CA LEU C 306 -8.40 8.47 24.70
C LEU C 306 -7.84 8.97 23.37
N LEU C 307 -7.04 8.14 22.72
CA LEU C 307 -6.40 8.50 21.46
C LEU C 307 -7.16 7.86 20.31
N ALA C 308 -7.52 8.67 19.32
CA ALA C 308 -8.35 8.20 18.21
C ALA C 308 -7.73 8.61 16.88
N GLY C 309 -7.56 7.63 15.99
CA GLY C 309 -7.11 7.92 14.65
C GLY C 309 -8.26 8.30 13.74
N TYR C 310 -8.00 9.25 12.85
CA TYR C 310 -9.02 9.84 12.01
C TYR C 310 -8.64 9.71 10.54
N ASP C 311 -9.55 10.13 9.67
CA ASP C 311 -9.33 10.09 8.23
C ASP C 311 -8.75 11.38 7.67
N ASP C 312 -8.65 12.44 8.48
CA ASP C 312 -8.07 13.70 8.04
C ASP C 312 -6.57 13.76 8.25
N PHE C 313 -5.91 12.60 8.22
CA PHE C 313 -4.46 12.34 8.20
C PHE C 313 -3.79 12.51 9.56
N ASN C 314 -4.50 12.93 10.60
CA ASN C 314 -3.88 13.08 11.91
C ASN C 314 -4.75 12.49 13.00
N CYS C 315 -4.09 11.99 14.04
CA CYS C 315 -4.77 11.50 15.22
C CYS C 315 -5.17 12.65 16.13
N ASN C 316 -6.33 12.54 16.75
CA ASN C 316 -6.74 13.45 17.81
C ASN C 316 -6.56 12.78 19.17
N VAL C 317 -6.12 13.55 20.14
CA VAL C 317 -5.97 13.10 21.52
C VAL C 317 -7.08 13.74 22.33
N TRP C 318 -7.91 12.92 22.96
CA TRP C 318 -9.09 13.37 23.67
C TRP C 318 -8.92 13.14 25.17
N ASP C 319 -9.55 13.99 25.96
CA ASP C 319 -9.62 13.80 27.40
C ASP C 319 -10.86 12.98 27.71
N ALA C 320 -10.66 11.82 28.32
CA ALA C 320 -11.76 10.88 28.54
C ALA C 320 -12.73 11.33 29.62
N LEU C 321 -12.43 12.40 30.35
CA LEU C 321 -13.35 12.94 31.34
C LEU C 321 -13.93 14.29 30.96
N LYS C 322 -13.14 15.14 30.30
CA LYS C 322 -13.58 16.49 29.98
C LYS C 322 -14.13 16.64 28.56
N ALA C 323 -13.92 15.65 27.70
CA ALA C 323 -14.40 15.64 26.30
C ALA C 323 -13.91 16.84 25.51
N ASP C 324 -12.62 17.14 25.63
CA ASP C 324 -11.98 18.17 24.84
C ASP C 324 -10.64 17.66 24.32
N ARG C 325 -10.20 18.21 23.19
CA ARG C 325 -8.95 17.80 22.58
C ARG C 325 -7.77 18.37 23.36
N ALA C 326 -6.82 17.51 23.70
CA ALA C 326 -5.58 17.92 24.33
C ALA C 326 -4.50 18.25 23.30
N GLY C 327 -4.34 17.37 22.30
CA GLY C 327 -3.33 17.59 21.28
C GLY C 327 -3.67 16.84 20.01
N VAL C 328 -2.86 17.07 18.98
CA VAL C 328 -3.01 16.44 17.68
C VAL C 328 -1.70 15.76 17.31
N LEU C 329 -1.79 14.51 16.86
CA LEU C 329 -0.63 13.74 16.44
C LEU C 329 -0.54 13.80 14.92
N ALA C 330 0.13 14.83 14.42
CA ALA C 330 0.29 15.06 12.98
C ALA C 330 1.39 14.17 12.41
N GLY C 331 1.87 14.50 11.21
CA GLY C 331 3.01 13.82 10.64
C GLY C 331 2.70 12.73 9.66
N HIS C 332 1.47 12.24 9.65
CA HIS C 332 1.02 11.29 8.64
C HIS C 332 0.38 12.07 7.51
N ASP C 333 0.85 11.84 6.28
CA ASP C 333 0.26 12.50 5.13
C ASP C 333 -0.91 11.73 4.52
N ASN C 334 -1.15 10.51 4.99
CA ASN C 334 -2.31 9.72 4.58
C ASN C 334 -3.16 9.40 5.82
N ARG C 335 -4.27 8.72 5.58
CA ARG C 335 -5.25 8.47 6.64
C ARG C 335 -4.70 7.53 7.69
N VAL C 336 -4.85 7.91 8.96
CA VAL C 336 -4.44 7.03 10.06
C VAL C 336 -5.39 5.84 10.11
N SER C 337 -4.83 4.64 10.18
CA SER C 337 -5.60 3.40 10.13
C SER C 337 -5.61 2.64 11.44
N CYS C 338 -4.48 2.53 12.11
CA CYS C 338 -4.36 1.73 13.32
C CYS C 338 -3.62 2.52 14.39
N LEU C 339 -3.89 2.17 15.64
CA LEU C 339 -3.36 2.90 16.78
C LEU C 339 -3.27 1.96 17.97
N GLY C 340 -2.37 2.27 18.88
CA GLY C 340 -2.21 1.46 20.08
C GLY C 340 -1.32 2.10 21.12
N VAL C 341 -1.77 2.10 22.36
CA VAL C 341 -0.97 2.55 23.49
C VAL C 341 -0.35 1.33 24.15
N THR C 342 0.95 1.39 24.42
CA THR C 342 1.65 0.25 24.98
C THR C 342 1.20 -0.01 26.41
N ASP C 343 1.51 -1.22 26.90
CA ASP C 343 0.94 -1.70 28.16
C ASP C 343 1.46 -0.92 29.36
N ASP C 344 2.70 -0.44 29.31
CA ASP C 344 3.23 0.38 30.39
C ASP C 344 3.08 1.87 30.11
N GLY C 345 2.34 2.24 29.06
CA GLY C 345 1.91 3.61 28.85
C GLY C 345 2.97 4.58 28.41
N MET C 346 4.15 4.10 28.04
CA MET C 346 5.26 4.97 27.70
C MET C 346 5.33 5.30 26.22
N ALA C 347 4.37 4.86 25.41
CA ALA C 347 4.46 5.02 23.98
C ALA C 347 3.07 4.97 23.36
N VAL C 348 2.94 5.59 22.19
CA VAL C 348 1.75 5.52 21.35
C VAL C 348 2.22 5.33 19.91
N ALA C 349 1.93 4.18 19.33
CA ALA C 349 2.30 3.90 17.95
C ALA C 349 1.09 4.10 17.04
N THR C 350 1.27 4.87 15.99
CA THR C 350 0.23 5.14 14.99
C THR C 350 0.73 4.66 13.64
N GLY C 351 0.07 3.66 13.08
CA GLY C 351 0.32 3.24 11.71
C GLY C 351 -0.74 3.83 10.80
N SER C 352 -0.32 4.28 9.61
CA SER C 352 -1.26 4.90 8.69
C SER C 352 -1.07 4.38 7.27
N TRP C 353 -1.72 5.03 6.32
CA TRP C 353 -1.76 4.54 4.95
C TRP C 353 -0.55 4.96 4.12
N ASP C 354 0.59 5.29 4.75
CA ASP C 354 1.77 5.75 4.05
C ASP C 354 3.00 4.89 4.33
N SER C 355 2.77 3.62 4.70
CA SER C 355 3.81 2.60 4.93
C SER C 355 4.75 2.96 6.08
N PHE C 356 4.36 3.86 6.96
CA PHE C 356 5.20 4.26 8.09
C PHE C 356 4.45 4.08 9.39
N LEU C 357 5.20 3.85 10.46
CA LEU C 357 4.68 3.87 11.82
C LEU C 357 5.37 4.99 12.59
N LYS C 358 4.70 5.50 13.61
CA LYS C 358 5.20 6.65 14.37
C LYS C 358 4.93 6.44 15.86
N ILE C 359 6.00 6.41 16.65
CA ILE C 359 5.90 6.22 18.09
C ILE C 359 6.13 7.55 18.79
N TRP C 360 5.23 7.90 19.70
CA TRP C 360 5.16 9.22 20.30
C TRP C 360 5.37 9.14 21.81
N ASN C 361 5.83 10.25 22.39
CA ASN C 361 5.84 10.35 23.86
C ASN C 361 5.10 11.59 24.32
N ALA D 10 -38.83 -17.94 14.20
CA ALA D 10 -37.63 -18.58 14.71
C ALA D 10 -36.60 -17.52 15.13
N GLN D 11 -36.25 -16.63 14.20
CA GLN D 11 -35.31 -15.56 14.52
C GLN D 11 -35.95 -14.50 15.39
N ALA D 12 -37.23 -14.20 15.16
CA ALA D 12 -37.91 -13.16 15.93
C ALA D 12 -38.09 -13.55 17.39
N ARG D 13 -38.45 -14.81 17.66
CA ARG D 13 -38.64 -15.23 19.04
C ARG D 13 -37.33 -15.29 19.81
N LYS D 14 -36.25 -15.75 19.16
CA LYS D 14 -34.96 -15.76 19.84
C LYS D 14 -34.42 -14.35 20.04
N LEU D 15 -34.71 -13.44 19.10
CA LEU D 15 -34.38 -12.03 19.31
C LEU D 15 -35.15 -11.47 20.50
N VAL D 16 -36.43 -11.83 20.62
CA VAL D 16 -37.26 -11.35 21.72
C VAL D 16 -36.71 -11.83 23.06
N GLU D 17 -36.38 -13.14 23.15
CA GLU D 17 -35.90 -13.65 24.43
C GLU D 17 -34.50 -13.14 24.76
N GLN D 18 -33.65 -12.94 23.74
CA GLN D 18 -32.33 -12.36 23.99
C GLN D 18 -32.44 -10.92 24.49
N LEU D 19 -33.31 -10.13 23.87
CA LEU D 19 -33.42 -8.74 24.26
C LEU D 19 -34.18 -8.59 25.59
N LYS D 20 -35.04 -9.56 25.93
CA LYS D 20 -35.70 -9.55 27.23
C LYS D 20 -34.83 -10.11 28.34
N MET D 21 -33.81 -10.93 28.04
CA MET D 21 -32.85 -11.27 29.08
C MET D 21 -31.78 -10.21 29.21
N GLU D 22 -31.55 -9.41 28.16
CA GLU D 22 -30.82 -8.16 28.32
C GLU D 22 -31.63 -7.13 29.10
N ALA D 23 -32.95 -7.25 29.12
CA ALA D 23 -33.80 -6.32 29.86
C ALA D 23 -33.57 -6.43 31.36
N ASN D 24 -33.56 -7.66 31.90
CA ASN D 24 -33.54 -7.87 33.34
C ASN D 24 -32.12 -8.13 33.84
N ILE D 25 -31.31 -7.07 33.84
CA ILE D 25 -30.00 -7.07 34.45
C ILE D 25 -29.89 -5.87 35.38
N ASP D 26 -29.03 -5.99 36.39
CA ASP D 26 -28.88 -4.94 37.38
C ASP D 26 -28.09 -3.76 36.82
N ARG D 27 -28.49 -2.56 37.21
CA ARG D 27 -27.86 -1.34 36.72
C ARG D 27 -27.61 -0.39 37.89
N ILE D 28 -26.39 0.12 37.97
CA ILE D 28 -26.04 1.18 38.91
C ILE D 28 -26.16 2.50 38.19
N LYS D 29 -26.28 3.58 38.96
CA LYS D 29 -26.53 4.91 38.42
C LYS D 29 -25.34 5.40 37.60
N VAL D 30 -25.61 6.40 36.76
CA VAL D 30 -24.56 7.04 35.97
C VAL D 30 -23.58 7.77 36.87
N SER D 31 -24.08 8.34 37.98
CA SER D 31 -23.22 9.09 38.88
C SER D 31 -22.16 8.19 39.51
N LYS D 32 -22.55 7.00 39.98
CA LYS D 32 -21.60 6.10 40.62
C LYS D 32 -20.55 5.60 39.65
N ALA D 33 -20.96 5.22 38.43
CA ALA D 33 -20.02 4.69 37.46
C ALA D 33 -19.08 5.77 36.93
N ALA D 34 -19.61 6.97 36.67
CA ALA D 34 -18.74 8.07 36.27
C ALA D 34 -17.81 8.46 37.40
N ALA D 35 -18.29 8.40 38.65
CA ALA D 35 -17.49 8.78 39.79
C ALA D 35 -16.32 7.82 40.01
N ASP D 36 -16.57 6.52 39.93
CA ASP D 36 -15.44 5.62 40.15
C ASP D 36 -14.58 5.44 38.90
N LEU D 37 -15.09 5.77 37.70
CA LEU D 37 -14.20 5.92 36.55
C LEU D 37 -13.24 7.09 36.74
N MET D 38 -13.76 8.22 37.23
CA MET D 38 -12.89 9.36 37.53
C MET D 38 -11.93 9.03 38.66
N ALA D 39 -12.39 8.28 39.67
CA ALA D 39 -11.52 7.87 40.76
C ALA D 39 -10.40 6.97 40.27
N TYR D 40 -10.68 6.07 39.33
CA TYR D 40 -9.63 5.31 38.67
C TYR D 40 -8.72 6.21 37.84
N CYS D 41 -9.26 7.30 37.30
CA CYS D 41 -8.44 8.23 36.52
C CYS D 41 -7.40 8.94 37.38
N GLU D 42 -7.81 9.52 38.52
CA GLU D 42 -6.81 10.17 39.38
C GLU D 42 -6.26 9.23 40.45
N ALA D 43 -6.32 7.91 40.25
CA ALA D 43 -5.54 6.99 41.06
C ALA D 43 -4.29 6.51 40.36
N HIS D 44 -4.24 6.61 39.03
CA HIS D 44 -3.08 6.23 38.24
C HIS D 44 -2.47 7.42 37.51
N ALA D 45 -2.87 8.64 37.87
CA ALA D 45 -2.43 9.82 37.15
C ALA D 45 -0.94 10.09 37.34
N LYS D 46 -0.40 9.77 38.51
CA LYS D 46 1.03 9.91 38.75
C LYS D 46 1.85 8.81 38.10
N GLU D 47 1.21 7.79 37.55
CA GLU D 47 1.90 6.68 36.90
C GLU D 47 1.95 6.80 35.39
N ASP D 48 0.96 7.43 34.76
CA ASP D 48 0.86 7.47 33.31
C ASP D 48 1.91 8.41 32.72
N PRO D 49 2.80 7.94 31.85
CA PRO D 49 3.79 8.85 31.24
C PRO D 49 3.21 9.79 30.21
N LEU D 50 2.04 9.50 29.65
CA LEU D 50 1.49 10.36 28.61
C LEU D 50 0.88 11.63 29.19
N LEU D 51 0.18 11.53 30.32
CA LEU D 51 -0.40 12.71 30.95
C LEU D 51 0.68 13.64 31.48
N THR D 52 1.61 13.10 32.26
CA THR D 52 2.74 13.85 32.79
C THR D 52 4.01 13.33 32.14
N PRO D 53 4.72 14.15 31.35
CA PRO D 53 5.90 13.65 30.64
C PRO D 53 7.02 13.27 31.60
N VAL D 54 7.43 12.01 31.53
CA VAL D 54 8.49 11.48 32.38
C VAL D 54 9.82 12.11 31.98
N PRO D 55 10.79 12.22 32.89
CA PRO D 55 12.09 12.77 32.51
C PRO D 55 12.80 11.90 31.49
N ALA D 56 13.63 12.54 30.66
CA ALA D 56 14.31 11.85 29.58
C ALA D 56 15.37 10.86 30.07
N SER D 57 15.77 10.95 31.34
CA SER D 57 16.75 10.02 31.88
C SER D 57 16.19 8.59 31.92
N GLU D 58 14.94 8.43 32.35
CA GLU D 58 14.29 7.14 32.40
C GLU D 58 13.48 6.83 31.14
N ASN D 59 13.38 7.79 30.22
CA ASN D 59 12.62 7.56 28.98
C ASN D 59 13.43 6.68 28.04
N PRO D 60 12.89 5.54 27.61
CA PRO D 60 13.65 4.65 26.72
C PRO D 60 13.59 5.02 25.25
N PHE D 61 12.89 6.09 24.90
CA PHE D 61 12.76 6.54 23.51
C PHE D 61 13.54 7.85 23.38
N ARG D 62 14.84 7.73 23.11
CA ARG D 62 15.71 8.89 23.02
C ARG D 62 16.55 8.81 21.75
N GLU D 63 16.97 9.98 21.26
CA GLU D 63 17.82 10.05 20.08
C GLU D 63 19.19 9.49 20.39
N LYS D 64 19.79 8.82 19.39
CA LYS D 64 21.06 8.16 19.57
C LYS D 64 22.19 8.92 18.86
C1 CLR E . 24.38 9.29 -5.34
C2 CLR E . 23.14 8.62 -4.74
C3 CLR E . 22.15 9.67 -4.30
C4 CLR E . 21.73 10.48 -5.53
C5 CLR E . 22.92 11.14 -6.17
C6 CLR E . 22.90 12.45 -6.40
C7 CLR E . 24.03 13.23 -6.97
C8 CLR E . 25.14 12.38 -7.55
C9 CLR E . 25.38 11.14 -6.70
C10 CLR E . 24.12 10.26 -6.52
C11 CLR E . 26.61 10.37 -7.22
C12 CLR E . 27.87 11.24 -7.28
C13 CLR E . 27.68 12.51 -8.12
C14 CLR E . 26.42 13.21 -7.58
C15 CLR E . 26.40 14.53 -8.32
C16 CLR E . 27.87 14.95 -8.26
C17 CLR E . 28.70 13.67 -7.93
C18 CLR E . 27.56 12.16 -9.61
C19 CLR E . 23.78 9.47 -7.79
C20 CLR E . 30.05 13.71 -8.67
C21 CLR E . 31.03 12.60 -8.32
C22 CLR E . 30.72 15.08 -8.42
C23 CLR E . 32.02 15.31 -9.17
C24 CLR E . 32.89 16.35 -8.48
C25 CLR E . 32.46 17.81 -8.69
C26 CLR E . 32.01 18.44 -7.37
C27 CLR E . 33.57 18.65 -9.32
O1 CLR E . 21.04 9.03 -3.70
C1 CLR F . 32.33 36.55 -39.47
C2 CLR F . 33.44 37.53 -39.82
C3 CLR F . 32.90 38.95 -39.91
C4 CLR F . 32.23 39.33 -38.60
C5 CLR F . 31.17 38.33 -38.20
C6 CLR F . 29.95 38.76 -37.84
C7 CLR F . 28.84 37.88 -37.41
C8 CLR F . 29.30 36.46 -37.07
C9 CLR F . 30.32 35.96 -38.09
C10 CLR F . 31.57 36.87 -38.17
C11 CLR F . 30.67 34.49 -37.86
C12 CLR F . 29.44 33.59 -37.80
C13 CLR F . 28.42 34.04 -36.76
C14 CLR F . 28.10 35.51 -37.06
C15 CLR F . 26.93 35.85 -36.15
C16 CLR F . 26.13 34.52 -36.13
C17 CLR F . 26.98 33.45 -36.84
C18 CLR F . 28.94 33.87 -35.33
C19 CLR F . 32.48 36.65 -36.96
C20 CLR F . 26.69 32.04 -36.29
C21 CLR F . 27.21 30.88 -37.15
C22 CLR F . 25.19 31.87 -36.02
C23 CLR F . 24.36 30.93 -36.88
C24 CLR F . 22.96 30.79 -36.30
C25 CLR F . 22.05 29.75 -36.95
C26 CLR F . 22.75 28.40 -37.04
C27 CLR F . 20.73 29.60 -36.18
O1 CLR F . 33.98 39.81 -40.22
C01 A1APV G . 28.64 27.90 -23.51
C02 A1APV G . 29.71 27.51 -22.80
C03 A1APV G . 30.27 26.13 -23.05
N04 A1APV G . 31.74 26.21 -23.26
C05 A1APV G . 32.26 24.83 -23.32
C06 A1APV G . 33.76 24.77 -23.69
C07 A1APV G . 34.11 25.65 -24.92
C08 A1APV G . 35.57 25.47 -25.32
C09 A1APV G . 36.08 26.69 -26.12
O10 A1APV G . 36.83 26.55 -27.04
C11 A1APV G . 35.60 28.04 -25.73
C12 A1APV G . 34.07 28.03 -25.72
C13 A1APV G . 33.58 27.05 -24.64
C14 A1APV G . 32.03 26.94 -24.53
C15 A1APV G . 31.31 26.33 -25.78
C16 A1APV G . 32.19 25.44 -26.65
C17 A1APV G . 33.45 25.17 -26.21
C18 A1APV G . 34.36 24.39 -26.89
C19 A1APV G . 34.02 23.83 -28.10
C20 A1APV G . 32.75 24.07 -28.60
C21 A1APV G . 31.84 24.86 -27.89
O22 A1APV G . 34.92 23.06 -28.80
O23 A1APV G . 35.56 24.31 -26.20
O24 A1APV G . 34.10 27.50 -23.41
C3' VSN H . -21.25 -20.83 -16.70
C4' VSN H . -22.31 -19.69 -16.50
C5' VSN H . -21.78 -18.63 -15.56
C1' VSN H . -21.96 -20.17 -18.76
C2' VSN H . -20.99 -20.83 -18.19
C8 VSN H . -20.52 -18.60 -20.01
C5 VSN H . -21.10 -18.88 -22.06
C4 VSN H . -21.88 -19.74 -21.24
C2 VSN H . -23.02 -20.58 -23.12
C6 VSN H . -21.32 -18.88 -23.52
N9 VSN H . -21.46 -19.52 -19.96
N7 VSN H . -20.28 -18.19 -21.27
N3 VSN H . -22.83 -20.58 -21.80
N2 VSN H . -23.94 -21.40 -23.66
N1 VSN H . -22.28 -19.76 -23.93
O3' VSN H . -21.77 -22.08 -16.28
O5' VSN H . -21.48 -19.22 -14.30
OP2 VSN H . -19.57 -19.55 -12.64
OP3 VSN H . -21.08 -17.58 -12.26
O3B VSN H . -21.20 -16.90 -9.75
O2B VSN H . -20.91 -15.11 -11.50
OP1 VSN H . -19.40 -17.63 -14.22
O4' VSN H . -22.41 -19.17 -17.85
O2' VSN H . -21.00 -22.19 -18.67
O6 VSN H . -20.72 -18.20 -24.31
P VSN H . -20.33 -18.51 -13.34
PB VSN H . -20.55 -16.55 -11.10
S1B VSN H . -18.67 -16.71 -10.94
#